data_3TGY
#
_entry.id   3TGY
#
_cell.length_a   53.706
_cell.length_b   79.614
_cell.length_c   65.785
_cell.angle_alpha   90.00
_cell.angle_beta   93.23
_cell.angle_gamma   90.00
#
_symmetry.space_group_name_H-M   'P 1 21 1'
#
loop_
_entity.id
_entity.type
_entity.pdbx_description
1 polymer Lactoperoxidase
2 branched 2-acetamido-2-deoxy-beta-D-glucopyranose-(1-4)-2-acetamido-2-deoxy-beta-D-glucopyranose
3 non-polymer 'CALCIUM ION'
4 non-polymer 'PROTOPORPHYRIN IX CONTAINING FE'
5 non-polymer 2-acetamido-2-deoxy-beta-D-glucopyranose
6 non-polymer 'IODIDE ION'
7 non-polymer (4S)-2-METHYL-2,4-PENTANEDIOL
8 non-polymer 1,2-ETHANEDIOL
9 non-polymer DI(HYDROXYETHYL)ETHER
10 non-polymer GLYCEROL
11 non-polymer 'THIOCYANATE ION'
12 non-polymer 'ASCORBIC ACID'
13 water water
#
_entity_poly.entity_id   1
_entity_poly.type   'polypeptide(L)'
_entity_poly.pdbx_seq_one_letter_code
;SWEVGCGAPVPLVKCDENSPYRTITGDCNNRRSPALGAANRALARWLPAEYEDGLALPFGWTQRKTRNGFRVPLAREVSN
KIVGYLDEEGVLDQNRSLLFMQWGQIVDHDLDFAPETELGSNEHSKTQCEEYCIQGDNCFPIMFPKNDPKLKTQGKCMPF
FRAGFVCPTPPYQSLAREQINAVTSFLDASLVYGSEP(SEP)LASRLRNLSSPLGLMAVNQEAWDHGLAYLPFNNKKPSP
CEFINTTARVPCFLAGDFRASEQILLATAHTLLLREHNRLARELKKLNPHWNGEKLYQEARKILGAFIQIITFRDYLPIV
LGSEMQKWIPPYQGYNNSVDPRISNVFTFAFRFGHMEVPSTVSRLDENYQPWGPEAELPLHTLFFNTWRIIKDGGIDPLV
RGLLAKKSKLMNQDKMVTSELRNKLFQPTHKIHGFDLAAINLQRCRDHGMPGYNSWRGFCGLSQPKTLKGLQTVLKNKIL
AKKLMDLYKTPDNIDIWIGGNAEPMVERGRVGPLLACLLGRQFQQIRDGDRFWWENPGVFTEKQRDSLQKVSFSRLICDN
THITKVPLHAFQANNYPHDFVDCSTVDKLDLSPWASREN
;
_entity_poly.pdbx_strand_id   A
#
loop_
_chem_comp.id
_chem_comp.type
_chem_comp.name
_chem_comp.formula
ASC L-saccharide 'ASCORBIC ACID' 'C6 H8 O6'
CA non-polymer 'CALCIUM ION' 'Ca 2'
EDO non-polymer 1,2-ETHANEDIOL 'C2 H6 O2'
GOL non-polymer GLYCEROL 'C3 H8 O3'
HEM non-polymer 'PROTOPORPHYRIN IX CONTAINING FE' 'C34 H32 Fe N4 O4'
IOD non-polymer 'IODIDE ION' 'I -1'
MPD non-polymer (4S)-2-METHYL-2,4-PENTANEDIOL 'C6 H14 O2'
NAG D-saccharide, beta linking 2-acetamido-2-deoxy-beta-D-glucopyranose 'C8 H15 N O6'
PEG non-polymer DI(HYDROXYETHYL)ETHER 'C4 H10 O3'
SCN non-polymer 'THIOCYANATE ION' 'C N S -1'
#
# COMPACT_ATOMS: atom_id res chain seq x y z
N SER A 1 22.68 -4.35 26.65
CA SER A 1 22.52 -3.54 27.84
C SER A 1 21.07 -3.10 28.02
N TRP A 2 20.47 -2.61 26.93
CA TRP A 2 19.07 -2.15 26.96
C TRP A 2 17.94 -3.17 26.67
N GLU A 3 16.71 -2.67 26.81
CA GLU A 3 15.42 -3.37 26.97
C GLU A 3 14.89 -4.35 25.93
N VAL A 4 14.09 -5.29 26.44
CA VAL A 4 13.44 -6.32 25.67
C VAL A 4 12.03 -5.91 25.37
N GLY A 5 11.39 -5.21 26.30
CA GLY A 5 10.03 -4.77 26.07
C GLY A 5 9.55 -3.47 26.68
N CYS A 6 8.82 -2.73 25.86
CA CYS A 6 8.05 -1.56 26.25
C CYS A 6 6.91 -1.68 25.26
N GLY A 7 5.70 -1.23 25.56
CA GLY A 7 4.70 -1.41 24.54
C GLY A 7 3.31 -1.74 25.03
N ALA A 8 2.40 -0.85 24.70
CA ALA A 8 1.04 -1.02 25.06
C ALA A 8 0.49 -2.24 24.31
N PRO A 9 0.83 -2.40 23.01
CA PRO A 9 0.33 -3.50 22.19
C PRO A 9 0.81 -4.95 22.39
N VAL A 10 0.81 -5.46 23.62
CA VAL A 10 1.17 -6.85 23.86
C VAL A 10 0.04 -7.47 24.62
N PRO A 11 -0.91 -7.94 23.83
CA PRO A 11 -2.06 -8.77 24.20
C PRO A 11 -1.62 -10.22 24.26
N LEU A 12 -2.48 -11.12 24.71
CA LEU A 12 -2.05 -12.50 24.87
C LEU A 12 -1.44 -13.01 23.59
N VAL A 13 -0.25 -13.55 23.74
CA VAL A 13 0.45 -14.23 22.65
C VAL A 13 0.51 -15.59 23.36
N LYS A 14 -0.47 -16.45 23.08
CA LYS A 14 -0.41 -17.88 23.31
C LYS A 14 -0.27 -18.55 21.95
N CYS A 15 0.90 -19.15 21.71
CA CYS A 15 1.17 -19.80 20.43
C CYS A 15 0.80 -21.27 20.36
N ASP A 16 0.06 -21.60 19.31
CA ASP A 16 -0.36 -22.95 19.04
C ASP A 16 0.83 -23.48 18.24
N GLU A 17 1.68 -24.30 18.87
CA GLU A 17 2.99 -24.68 18.32
C GLU A 17 3.18 -25.43 16.97
N ASN A 18 2.45 -26.52 16.67
CA ASN A 18 2.58 -27.06 15.32
C ASN A 18 1.42 -26.86 14.34
N SER A 19 0.67 -25.77 14.54
CA SER A 19 -0.46 -25.41 13.71
C SER A 19 0.00 -25.20 12.27
N PRO A 20 -0.85 -25.53 11.29
CA PRO A 20 -0.52 -25.39 9.86
C PRO A 20 -1.05 -24.11 9.21
N TYR A 21 -1.43 -23.14 10.02
CA TYR A 21 -1.93 -21.88 9.51
C TYR A 21 -1.34 -20.71 10.30
N ARG A 22 -1.05 -19.60 9.63
CA ARG A 22 -0.49 -18.46 10.31
C ARG A 22 -1.60 -17.93 11.19
N THR A 23 -1.24 -17.13 12.18
CA THR A 23 -2.26 -16.50 13.01
C THR A 23 -2.73 -15.35 12.13
N ILE A 24 -3.77 -14.67 12.60
CA ILE A 24 -4.28 -13.53 11.89
C ILE A 24 -3.42 -12.33 12.30
N THR A 25 -2.81 -12.41 13.48
CA THR A 25 -1.95 -11.35 14.01
C THR A 25 -0.52 -11.36 13.48
N GLY A 26 -0.11 -12.46 12.88
CA GLY A 26 1.25 -12.56 12.38
C GLY A 26 2.09 -13.21 13.46
N ASP A 27 1.58 -13.21 14.69
CA ASP A 27 2.26 -13.84 15.83
C ASP A 27 2.48 -15.33 15.65
N CYS A 28 3.59 -15.80 16.21
CA CYS A 28 3.99 -17.20 16.09
C CYS A 28 4.47 -17.61 14.71
N ASN A 29 4.96 -16.68 13.92
CA ASN A 29 5.64 -17.05 12.71
C ASN A 29 6.96 -17.57 13.13
N ASN A 30 7.57 -16.87 14.04
CA ASN A 30 8.89 -17.17 14.46
C ASN A 30 8.75 -17.73 15.82
N ARG A 31 9.34 -18.90 16.01
CA ARG A 31 9.22 -19.56 17.29
C ARG A 31 10.28 -19.08 18.27
N ARG A 32 11.44 -18.67 17.76
CA ARG A 32 12.52 -18.17 18.60
C ARG A 32 12.02 -16.89 19.27
N SER A 33 11.32 -16.07 18.48
CA SER A 33 10.61 -14.90 18.97
C SER A 33 9.19 -14.85 18.40
N PRO A 34 8.18 -14.97 19.27
CA PRO A 34 6.79 -15.03 18.81
C PRO A 34 6.27 -13.78 18.09
N ALA A 35 6.60 -12.62 18.60
CA ALA A 35 6.14 -11.33 18.11
C ALA A 35 6.61 -10.76 16.78
N LEU A 36 7.72 -11.25 16.26
CA LEU A 36 8.21 -10.67 15.06
C LEU A 36 7.25 -10.74 13.91
N GLY A 37 7.07 -9.61 13.25
CA GLY A 37 6.28 -9.52 12.05
C GLY A 37 4.83 -9.44 12.33
N ALA A 38 4.52 -9.38 13.60
CA ALA A 38 3.18 -9.33 14.05
C ALA A 38 2.58 -7.96 13.90
N ALA A 39 1.27 -7.92 13.85
CA ALA A 39 0.57 -6.67 13.72
C ALA A 39 0.50 -5.95 15.04
N ASN A 40 0.40 -4.65 15.00
CA ASN A 40 0.28 -3.84 16.18
C ASN A 40 1.53 -3.67 17.03
N ARG A 41 2.69 -3.69 16.40
CA ARG A 41 3.93 -3.42 17.08
C ARG A 41 4.67 -2.37 16.33
N ALA A 42 5.64 -1.79 16.99
CA ALA A 42 6.46 -0.75 16.40
C ALA A 42 7.13 -1.22 15.12
N LEU A 43 7.27 -0.30 14.18
CA LEU A 43 7.94 -0.59 12.92
C LEU A 43 9.41 -0.71 13.27
N ALA A 44 10.13 -1.54 12.54
CA ALA A 44 11.54 -1.71 12.81
C ALA A 44 12.33 -0.46 12.39
N ARG A 45 13.40 -0.16 13.12
CA ARG A 45 14.24 0.97 12.78
C ARG A 45 15.53 0.44 12.19
N TRP A 46 15.81 0.77 10.94
CA TRP A 46 17.04 0.31 10.32
C TRP A 46 18.13 1.28 10.70
N LEU A 47 17.72 2.48 11.05
CA LEU A 47 18.66 3.48 11.54
C LEU A 47 17.90 4.19 12.65
N PRO A 48 18.61 4.75 13.63
CA PRO A 48 17.99 5.48 14.73
C PRO A 48 17.12 6.62 14.20
N ALA A 49 16.03 6.90 14.87
CA ALA A 49 15.13 7.95 14.51
C ALA A 49 15.83 9.24 14.60
N GLU A 50 15.42 10.18 13.77
CA GLU A 50 16.01 11.47 13.78
C GLU A 50 14.89 12.49 13.95
N TYR A 51 14.82 13.03 15.15
CA TYR A 51 13.83 14.00 15.53
C TYR A 51 14.47 15.32 15.89
N GLU A 52 13.70 16.40 15.86
CA GLU A 52 14.24 17.71 16.14
C GLU A 52 14.89 17.63 17.51
N ASP A 53 14.19 17.04 18.46
CA ASP A 53 14.68 16.99 19.84
C ASP A 53 15.18 15.61 20.32
N GLY A 54 15.62 14.81 19.36
CA GLY A 54 16.12 13.46 19.64
C GLY A 54 15.16 12.39 20.15
N LEU A 55 13.93 12.77 20.49
CA LEU A 55 12.95 11.85 21.03
C LEU A 55 11.65 11.62 20.31
N ALA A 56 10.86 12.68 20.17
CA ALA A 56 9.52 12.60 19.58
C ALA A 56 9.13 13.65 18.54
N LEU A 57 9.54 14.90 18.79
CA LEU A 57 9.18 16.02 17.93
C LEU A 57 9.83 16.05 16.55
N PRO A 58 9.03 16.38 15.54
CA PRO A 58 9.50 16.33 14.16
C PRO A 58 10.21 17.58 13.72
N PHE A 59 11.08 17.44 12.75
CA PHE A 59 11.82 18.55 12.25
C PHE A 59 10.84 19.42 11.57
N GLY A 60 10.93 20.72 11.81
CA GLY A 60 10.00 21.66 11.23
C GLY A 60 8.93 22.02 12.24
N TRP A 61 8.95 21.33 13.39
CA TRP A 61 7.98 21.58 14.47
C TRP A 61 8.19 22.94 15.13
N THR A 62 9.41 23.22 15.56
CA THR A 62 9.72 24.50 16.19
C THR A 62 10.32 25.43 15.13
N GLN A 63 9.76 26.62 14.96
CA GLN A 63 10.22 27.55 13.92
C GLN A 63 11.64 28.09 14.02
N ARG A 64 12.06 28.40 15.24
CA ARG A 64 13.40 28.91 15.49
C ARG A 64 14.45 27.86 15.12
N LYS A 65 14.15 26.60 15.42
CA LYS A 65 15.14 25.53 15.29
C LYS A 65 15.39 25.06 13.87
N THR A 66 16.61 24.59 13.62
CA THR A 66 17.02 24.14 12.29
C THR A 66 17.42 22.67 12.22
N ARG A 67 17.70 22.21 11.02
CA ARG A 67 18.18 20.85 10.79
C ARG A 67 19.50 21.05 10.06
N ASN A 68 20.60 20.61 10.67
CA ASN A 68 21.93 20.77 10.10
C ASN A 68 22.22 22.25 9.76
N GLY A 69 21.65 23.14 10.56
CA GLY A 69 21.87 24.56 10.38
C GLY A 69 20.91 25.31 9.49
N PHE A 70 19.95 24.60 8.92
CA PHE A 70 19.01 25.17 7.98
C PHE A 70 17.61 24.80 8.24
N ARG A 71 16.69 25.66 7.87
CA ARG A 71 15.29 25.34 8.00
C ARG A 71 14.84 24.26 7.06
N VAL A 72 13.88 23.46 7.50
CA VAL A 72 13.33 22.44 6.61
C VAL A 72 12.20 23.11 5.85
N PRO A 73 12.25 23.05 4.52
CA PRO A 73 11.22 23.74 3.75
C PRO A 73 9.84 23.20 4.09
N LEU A 74 8.84 24.04 3.99
CA LEU A 74 7.48 23.60 4.26
C LEU A 74 7.12 22.47 3.30
N ALA A 75 6.39 21.47 3.78
CA ALA A 75 6.02 20.35 2.95
C ALA A 75 5.32 20.79 1.65
N ARG A 76 4.30 21.61 1.79
CA ARG A 76 3.56 22.09 0.63
C ARG A 76 4.45 22.92 -0.31
N GLU A 77 5.48 23.56 0.23
CA GLU A 77 6.33 24.36 -0.62
C GLU A 77 7.11 23.41 -1.54
N VAL A 78 7.73 22.40 -0.94
CA VAL A 78 8.48 21.41 -1.70
C VAL A 78 7.57 20.82 -2.76
N SER A 79 6.35 20.49 -2.35
CA SER A 79 5.35 19.91 -3.24
C SER A 79 5.02 20.83 -4.40
N ASN A 80 4.81 22.11 -4.10
CA ASN A 80 4.50 23.08 -5.14
C ASN A 80 5.66 23.30 -6.09
N LYS A 81 6.85 23.49 -5.54
CA LYS A 81 8.01 23.78 -6.37
C LYS A 81 8.69 22.60 -7.02
N ILE A 82 8.44 21.37 -6.56
CA ILE A 82 9.15 20.23 -7.14
C ILE A 82 8.29 19.05 -7.65
N VAL A 83 7.21 18.78 -6.91
CA VAL A 83 6.38 17.59 -7.13
C VAL A 83 5.34 17.83 -8.24
N GLY A 84 4.74 19.02 -8.29
CA GLY A 84 3.67 19.26 -9.25
C GLY A 84 3.96 19.54 -10.71
N TYR A 85 2.88 19.48 -11.49
CA TYR A 85 2.92 19.73 -12.93
C TYR A 85 1.47 19.99 -13.37
N LEU A 86 1.30 20.45 -14.61
CA LEU A 86 -0.03 20.69 -15.18
C LEU A 86 -0.41 19.94 -16.45
N ASP A 87 0.60 19.52 -17.20
CA ASP A 87 0.38 18.76 -18.44
C ASP A 87 0.48 17.24 -18.38
N GLU A 88 -0.68 16.58 -18.45
CA GLU A 88 -0.76 15.13 -18.39
C GLU A 88 -0.41 14.41 -19.69
N GLU A 89 -0.37 15.10 -20.83
CA GLU A 89 -0.02 14.40 -22.06
C GLU A 89 1.43 13.98 -21.98
N GLY A 90 1.74 12.78 -22.46
CA GLY A 90 3.11 12.30 -22.45
C GLY A 90 3.62 11.76 -21.13
N VAL A 91 2.78 11.62 -20.13
CA VAL A 91 3.17 11.06 -18.85
C VAL A 91 2.96 9.58 -18.64
N LEU A 92 2.21 8.93 -19.50
CA LEU A 92 1.92 7.52 -19.34
C LEU A 92 3.10 6.60 -19.62
N ASP A 93 3.16 5.51 -18.84
CA ASP A 93 4.22 4.51 -18.96
C ASP A 93 3.93 3.63 -20.16
N GLN A 94 4.82 3.61 -21.13
CA GLN A 94 4.65 2.78 -22.31
C GLN A 94 4.80 1.26 -22.11
N ASN A 95 5.37 0.82 -21.00
CA ASN A 95 5.44 -0.61 -20.68
C ASN A 95 4.75 -1.16 -19.44
N ARG A 96 3.78 -0.45 -18.86
CA ARG A 96 3.26 -0.79 -17.56
C ARG A 96 1.78 -0.50 -17.61
N SER A 97 1.00 -1.55 -17.42
CA SER A 97 -0.44 -1.43 -17.42
C SER A 97 -0.83 -0.72 -16.12
N LEU A 98 -2.07 -0.29 -16.00
CA LEU A 98 -2.50 0.40 -14.79
C LEU A 98 -2.48 -0.56 -13.61
N LEU A 99 -2.49 -1.86 -13.90
CA LEU A 99 -2.47 -2.87 -12.85
C LEU A 99 -1.12 -2.87 -12.11
N PHE A 100 -0.08 -2.41 -12.80
CA PHE A 100 1.25 -2.31 -12.21
C PHE A 100 1.17 -1.40 -10.97
N MET A 101 0.56 -0.23 -11.15
CA MET A 101 0.39 0.72 -10.06
C MET A 101 -0.51 0.15 -8.97
N GLN A 102 -1.64 -0.45 -9.37
CA GLN A 102 -2.60 -1.01 -8.41
C GLN A 102 -2.04 -2.14 -7.55
N TRP A 103 -1.38 -3.11 -8.18
CA TRP A 103 -0.83 -4.20 -7.41
C TRP A 103 0.09 -3.63 -6.33
N GLY A 104 0.99 -2.74 -6.74
CA GLY A 104 1.89 -2.11 -5.80
C GLY A 104 1.14 -1.58 -4.59
N GLN A 105 -0.09 -1.10 -4.79
CA GLN A 105 -0.82 -0.58 -3.66
C GLN A 105 -1.41 -1.74 -2.88
N ILE A 106 -1.87 -2.75 -3.60
CA ILE A 106 -2.40 -3.94 -2.93
C ILE A 106 -1.32 -4.51 -2.00
N VAL A 107 -0.11 -4.72 -2.53
CA VAL A 107 1.00 -5.27 -1.75
C VAL A 107 1.40 -4.36 -0.61
N ASP A 108 1.42 -3.07 -0.89
CA ASP A 108 1.78 -2.12 0.14
C ASP A 108 0.88 -2.23 1.37
N HIS A 109 -0.42 -2.34 1.12
CA HIS A 109 -1.37 -2.41 2.21
C HIS A 109 -1.38 -3.76 2.91
N ASP A 110 -0.79 -4.77 2.26
CA ASP A 110 -0.70 -6.07 2.89
C ASP A 110 0.49 -5.97 3.86
N LEU A 111 1.50 -5.18 3.52
CA LEU A 111 2.69 -5.08 4.35
C LEU A 111 2.76 -4.09 5.49
N ASP A 112 2.19 -2.90 5.31
CA ASP A 112 2.29 -1.92 6.38
C ASP A 112 1.38 -0.70 6.40
N PHE A 113 1.05 -0.29 7.62
CA PHE A 113 0.03 0.71 7.91
C PHE A 113 0.47 1.32 9.25
N ALA A 114 0.49 2.66 9.29
CA ALA A 114 0.77 3.43 10.51
C ALA A 114 -0.29 4.53 10.56
N PRO A 115 -1.51 4.17 10.99
CA PRO A 115 -2.64 5.08 11.08
C PRO A 115 -2.51 6.22 12.08
N GLU A 116 -3.15 7.35 11.77
CA GLU A 116 -3.13 8.54 12.64
C GLU A 116 -3.72 8.18 14.01
N THR A 117 -3.41 8.98 15.03
CA THR A 117 -3.85 8.72 16.41
C THR A 117 -4.96 9.67 16.87
N GLU A 118 -5.86 9.18 17.74
CA GLU A 118 -6.94 10.00 18.31
C GLU A 118 -7.12 9.95 19.83
N LEU A 119 -6.78 11.06 20.45
CA LEU A 119 -7.03 11.28 21.88
C LEU A 119 -7.94 12.50 22.06
N GLY A 120 -8.16 13.22 20.95
CA GLY A 120 -8.95 14.42 20.91
C GLY A 120 -9.98 14.08 19.84
N SER A 121 -10.25 12.79 19.69
CA SER A 121 -11.24 12.33 18.73
C SER A 121 -12.63 12.66 19.30
N ASN A 122 -13.63 12.73 18.42
CA ASN A 122 -14.99 13.13 18.82
C ASN A 122 -15.13 14.47 19.51
N GLU A 123 -14.13 15.32 19.29
CA GLU A 123 -13.89 16.55 20.04
C GLU A 123 -13.28 17.50 19.02
N HIS A 124 -13.76 18.72 18.90
CA HIS A 124 -13.15 19.54 17.92
C HIS A 124 -11.90 20.20 18.45
N SER A 125 -10.88 19.37 18.57
CA SER A 125 -9.52 19.77 18.87
C SER A 125 -8.86 19.02 17.71
N LYS A 126 -9.65 18.12 17.13
CA LYS A 126 -9.31 17.47 15.89
C LYS A 126 -9.71 18.31 14.68
N THR A 127 -10.85 18.97 14.75
CA THR A 127 -11.25 19.75 13.59
C THR A 127 -10.79 21.15 13.97
N GLN A 128 -10.10 21.22 15.11
CA GLN A 128 -9.55 22.48 15.61
C GLN A 128 -8.26 22.61 14.83
N CYS A 129 -7.83 21.48 14.30
CA CYS A 129 -6.62 21.43 13.51
C CYS A 129 -6.94 22.03 12.14
N GLU A 130 -7.99 21.54 11.47
CA GLU A 130 -8.39 22.04 10.16
C GLU A 130 -8.82 23.52 10.24
N GLU A 131 -9.70 23.84 11.18
CA GLU A 131 -10.19 25.21 11.36
C GLU A 131 -9.25 26.32 11.82
N TYR A 132 -8.72 26.20 13.04
CA TYR A 132 -7.78 27.18 13.55
C TYR A 132 -6.30 26.98 13.20
N CYS A 133 -5.93 25.79 12.72
CA CYS A 133 -4.54 25.48 12.30
C CYS A 133 -3.43 25.72 13.34
N ILE A 134 -3.68 25.33 14.59
CA ILE A 134 -2.71 25.52 15.68
C ILE A 134 -1.93 24.24 15.97
N GLN A 135 -0.62 24.28 15.83
CA GLN A 135 0.21 23.12 16.09
C GLN A 135 0.12 22.77 17.60
N GLY A 136 -0.02 21.48 17.93
CA GLY A 136 -0.15 21.12 19.34
C GLY A 136 0.33 19.90 20.11
N ASP A 137 -0.25 18.75 19.82
CA ASP A 137 0.26 17.49 20.32
C ASP A 137 0.40 16.45 19.23
N ASN A 138 -0.72 16.12 18.61
CA ASN A 138 -0.68 15.21 17.49
C ASN A 138 -1.17 15.98 16.26
N CYS A 139 -1.67 17.18 16.51
CA CYS A 139 -2.10 18.05 15.42
C CYS A 139 -0.81 18.79 15.06
N PHE A 140 -0.35 18.56 13.84
CA PHE A 140 0.86 19.10 13.27
C PHE A 140 0.52 19.50 11.83
N PRO A 141 -0.10 20.65 11.65
CA PRO A 141 -0.68 21.08 10.39
C PRO A 141 0.26 21.38 9.26
N ILE A 142 -0.17 21.11 8.05
CA ILE A 142 0.66 21.39 6.89
C ILE A 142 0.30 22.85 6.55
N MET A 143 1.18 23.78 6.90
CA MET A 143 0.94 25.20 6.64
C MET A 143 1.24 25.52 5.17
N PHE A 144 0.46 26.43 4.58
CA PHE A 144 0.66 26.79 3.19
C PHE A 144 1.72 27.86 3.05
N PRO A 145 2.53 27.77 1.98
CA PRO A 145 3.55 28.80 1.76
C PRO A 145 2.89 30.13 1.35
N LYS A 146 3.69 31.16 1.08
CA LYS A 146 3.19 32.48 0.72
C LYS A 146 2.40 32.66 -0.57
N ASN A 147 2.87 32.12 -1.66
CA ASN A 147 2.14 32.25 -2.92
C ASN A 147 1.16 31.12 -3.20
N ASP A 148 0.88 30.29 -2.20
CA ASP A 148 -0.02 29.18 -2.41
C ASP A 148 -1.45 29.56 -2.72
N PRO A 149 -1.97 29.11 -3.87
CA PRO A 149 -3.33 29.36 -4.34
C PRO A 149 -4.37 28.91 -3.33
N LYS A 150 -4.09 27.81 -2.65
CA LYS A 150 -5.01 27.26 -1.66
C LYS A 150 -5.20 28.16 -0.45
N LEU A 151 -4.32 29.14 -0.32
CA LEU A 151 -4.38 30.09 0.76
C LEU A 151 -5.63 30.97 0.52
N LYS A 152 -5.90 31.23 -0.75
CA LYS A 152 -7.04 32.04 -1.13
C LYS A 152 -8.38 31.32 -1.00
N THR A 153 -8.36 30.00 -1.04
CA THR A 153 -9.59 29.21 -0.95
C THR A 153 -9.72 28.25 0.24
N GLN A 154 -8.60 27.78 0.78
CA GLN A 154 -8.70 26.80 1.86
C GLN A 154 -8.22 27.09 3.27
N GLY A 155 -8.05 28.35 3.64
CA GLY A 155 -7.51 28.61 4.97
C GLY A 155 -6.00 28.67 5.04
N LYS A 156 -5.48 28.69 6.26
CA LYS A 156 -4.05 28.75 6.53
C LYS A 156 -3.30 27.43 6.36
N CYS A 157 -3.98 26.30 6.49
CA CYS A 157 -3.31 25.02 6.41
C CYS A 157 -4.21 23.86 5.98
N MET A 158 -3.58 22.71 5.82
CA MET A 158 -4.27 21.49 5.52
C MET A 158 -4.05 20.79 6.87
N PRO A 159 -5.09 20.18 7.41
CA PRO A 159 -4.94 19.49 8.68
C PRO A 159 -4.10 18.22 8.53
N PHE A 160 -3.36 17.88 9.57
CA PHE A 160 -2.52 16.71 9.53
C PHE A 160 -2.34 16.26 10.98
N PHE A 161 -2.56 14.97 11.22
CA PHE A 161 -2.42 14.43 12.56
C PHE A 161 -1.36 13.35 12.60
N ARG A 162 -0.49 13.41 13.60
CA ARG A 162 0.60 12.45 13.74
C ARG A 162 0.21 10.99 13.92
N ALA A 163 1.08 10.12 13.41
CA ALA A 163 0.93 8.66 13.43
C ALA A 163 1.00 8.04 14.82
N GLY A 164 0.28 6.93 14.99
CA GLY A 164 0.28 6.25 16.27
C GLY A 164 1.66 5.74 16.65
N PHE A 165 1.95 5.75 17.94
CA PHE A 165 3.24 5.28 18.43
C PHE A 165 3.13 4.30 19.60
N VAL A 166 4.21 3.58 19.86
CA VAL A 166 4.22 2.62 20.92
C VAL A 166 4.25 3.16 22.30
N CYS A 167 3.54 2.43 23.14
CA CYS A 167 3.52 2.51 24.58
C CYS A 167 2.44 3.44 25.13
N PRO A 168 2.02 4.40 24.34
CA PRO A 168 1.05 5.33 24.85
C PRO A 168 0.37 5.94 23.69
N THR A 169 -0.61 6.77 23.94
CA THR A 169 -1.20 7.53 22.91
C THR A 169 -0.89 9.03 23.08
N PRO A 170 -0.17 9.38 24.13
CA PRO A 170 0.22 10.80 24.25
C PRO A 170 1.66 11.17 24.66
N PRO A 171 2.04 11.03 25.92
CA PRO A 171 3.37 11.49 26.35
C PRO A 171 4.57 10.65 25.90
N TYR A 172 5.74 11.28 25.76
CA TYR A 172 6.98 10.59 25.35
C TYR A 172 8.19 11.41 25.76
N GLN A 173 8.78 11.26 26.97
CA GLN A 173 10.11 11.83 27.35
C GLN A 173 11.29 10.91 27.63
N SER A 174 11.16 9.58 27.49
CA SER A 174 12.15 8.60 27.94
C SER A 174 12.89 7.76 26.90
N LEU A 175 12.26 7.54 25.75
CA LEU A 175 12.89 6.89 24.60
C LEU A 175 12.33 7.38 23.24
N ALA A 176 13.09 7.22 22.17
CA ALA A 176 12.70 7.66 20.82
C ALA A 176 11.41 7.08 20.24
N ARG A 177 10.48 7.96 19.86
CA ARG A 177 9.17 7.56 19.27
C ARG A 177 9.31 6.60 18.15
N GLU A 178 8.62 5.45 18.25
CA GLU A 178 8.55 4.47 17.19
C GLU A 178 7.10 4.38 16.84
N GLN A 179 6.80 4.52 15.55
CA GLN A 179 5.41 4.42 15.11
C GLN A 179 5.00 2.95 15.01
N ILE A 180 3.69 2.72 15.04
CA ILE A 180 3.13 1.38 15.01
C ILE A 180 2.75 0.90 13.62
N ASN A 181 2.94 -0.40 13.39
CA ASN A 181 2.54 -1.00 12.13
C ASN A 181 1.33 -1.84 12.52
N ALA A 182 0.14 -1.38 12.15
CA ALA A 182 -1.09 -2.05 12.51
C ALA A 182 -1.45 -3.29 11.72
N VAL A 183 -0.63 -3.70 10.77
CA VAL A 183 -0.96 -4.91 10.00
C VAL A 183 0.25 -5.83 10.04
N THR A 184 0.10 -7.07 9.59
CA THR A 184 1.22 -8.02 9.66
C THR A 184 2.28 -7.79 8.60
N SER A 185 3.55 -7.93 8.97
CA SER A 185 4.65 -7.73 8.04
C SER A 185 4.79 -8.78 6.95
N PHE A 186 4.12 -9.91 7.10
CA PHE A 186 4.26 -10.97 6.09
C PHE A 186 3.38 -10.76 4.87
N LEU A 187 3.89 -11.14 3.71
CA LEU A 187 3.07 -11.03 2.52
C LEU A 187 2.23 -12.27 2.91
N ASP A 188 1.09 -12.03 3.55
CA ASP A 188 0.11 -13.04 3.94
C ASP A 188 -1.36 -12.80 3.60
N ALA A 189 -1.67 -11.84 2.75
CA ALA A 189 -3.08 -11.54 2.44
C ALA A 189 -3.87 -10.97 3.62
N SER A 190 -3.21 -10.26 4.52
CA SER A 190 -3.91 -9.69 5.65
C SER A 190 -4.83 -8.56 5.25
N LEU A 191 -4.78 -8.16 3.99
CA LEU A 191 -5.67 -7.09 3.56
C LEU A 191 -7.02 -7.67 3.20
N VAL A 192 -7.06 -9.00 3.06
CA VAL A 192 -8.28 -9.71 2.72
C VAL A 192 -8.97 -10.28 3.95
N TYR A 193 -8.17 -10.77 4.90
CA TYR A 193 -8.69 -11.40 6.12
C TYR A 193 -8.55 -10.64 7.41
N GLY A 194 -7.78 -9.57 7.40
CA GLY A 194 -7.61 -8.80 8.62
C GLY A 194 -6.33 -9.13 9.35
N SER A 195 -5.96 -8.28 10.29
CA SER A 195 -4.75 -8.50 11.06
C SER A 195 -5.13 -8.62 12.52
N GLU A 196 -6.43 -8.47 12.76
CA GLU A 196 -7.00 -8.50 14.10
C GLU A 196 -8.11 -9.58 14.12
N PRO A 197 -8.12 -10.36 15.17
CA PRO A 197 -9.07 -11.44 15.33
C PRO A 197 -10.45 -10.91 15.34
N SEP A 198 -10.65 -9.74 15.94
CA SEP A 198 -11.94 -9.12 16.00
CB SEP A 198 -11.79 -7.78 16.72
OG SEP A 198 -11.14 -7.87 17.98
C SEP A 198 -12.50 -8.80 14.63
O SEP A 198 -13.58 -9.18 14.30
P SEP A 198 -9.60 -7.40 18.11
O1P SEP A 198 -9.18 -6.34 17.04
O2P SEP A 198 -8.76 -8.71 17.86
O3P SEP A 198 -9.29 -6.85 19.56
N LEU A 199 -11.71 -8.14 13.80
CA LEU A 199 -12.06 -7.94 12.42
C LEU A 199 -11.99 -9.18 11.52
N ALA A 200 -10.93 -9.95 11.63
CA ALA A 200 -10.85 -11.24 10.97
C ALA A 200 -12.15 -12.05 11.01
N SER A 201 -12.77 -12.09 12.17
CA SER A 201 -14.05 -12.76 12.37
C SER A 201 -15.27 -12.13 11.75
N ARG A 202 -15.45 -10.83 11.92
CA ARG A 202 -16.58 -10.07 11.40
C ARG A 202 -16.68 -10.13 9.88
N LEU A 203 -15.60 -10.52 9.22
CA LEU A 203 -15.55 -10.58 7.76
C LEU A 203 -15.99 -11.91 7.19
N ARG A 204 -15.91 -12.95 8.02
CA ARG A 204 -16.24 -14.29 7.61
C ARG A 204 -17.66 -14.62 7.74
N ASN A 205 -18.05 -15.63 6.96
CA ASN A 205 -19.42 -16.12 7.00
C ASN A 205 -19.55 -17.26 7.97
N LEU A 206 -20.06 -16.96 9.14
CA LEU A 206 -20.27 -17.97 10.14
C LEU A 206 -21.66 -18.60 10.08
N SER A 207 -22.52 -18.13 9.20
CA SER A 207 -23.83 -18.75 9.07
C SER A 207 -23.76 -20.12 8.43
N SER A 208 -23.06 -20.24 7.32
CA SER A 208 -22.98 -21.54 6.68
C SER A 208 -21.55 -22.09 6.74
N PRO A 209 -21.36 -23.25 7.34
CA PRO A 209 -19.99 -23.70 7.51
C PRO A 209 -19.44 -24.17 6.18
N LEU A 210 -19.53 -23.27 5.21
CA LEU A 210 -19.00 -23.46 3.88
C LEU A 210 -17.62 -22.83 3.72
N GLY A 211 -17.19 -22.03 4.69
CA GLY A 211 -15.86 -21.44 4.58
C GLY A 211 -15.83 -20.20 3.70
N LEU A 212 -17.00 -19.63 3.48
CA LEU A 212 -17.15 -18.44 2.66
C LEU A 212 -16.84 -17.17 3.45
N MET A 213 -16.29 -16.17 2.78
CA MET A 213 -16.04 -14.87 3.41
C MET A 213 -17.41 -14.19 3.25
N ALA A 214 -17.84 -13.44 4.25
CA ALA A 214 -19.15 -12.76 4.18
C ALA A 214 -19.25 -11.78 3.02
N VAL A 215 -20.30 -11.90 2.20
CA VAL A 215 -20.46 -11.00 1.05
C VAL A 215 -21.53 -9.93 1.29
N ASN A 216 -21.65 -9.01 0.35
CA ASN A 216 -22.63 -7.94 0.46
C ASN A 216 -24.04 -8.48 0.31
N GLN A 217 -24.96 -7.92 1.08
CA GLN A 217 -26.35 -8.34 1.05
C GLN A 217 -27.27 -7.41 0.26
N GLU A 218 -27.02 -6.10 0.34
CA GLU A 218 -27.85 -5.13 -0.37
C GLU A 218 -27.64 -5.10 -1.88
N ALA A 219 -26.44 -5.47 -2.34
CA ALA A 219 -26.18 -5.44 -3.77
C ALA A 219 -25.34 -6.60 -4.29
N TRP A 220 -25.49 -6.89 -5.58
CA TRP A 220 -24.77 -7.97 -6.22
C TRP A 220 -24.26 -7.43 -7.57
N ASP A 221 -23.23 -8.08 -8.12
CA ASP A 221 -22.59 -7.65 -9.36
C ASP A 221 -22.74 -8.69 -10.49
N HIS A 222 -23.86 -8.60 -11.21
CA HIS A 222 -24.20 -9.54 -12.27
C HIS A 222 -24.11 -10.92 -11.61
N GLY A 223 -24.62 -10.98 -10.39
CA GLY A 223 -24.59 -12.19 -9.61
C GLY A 223 -23.36 -12.32 -8.74
N LEU A 224 -22.20 -11.92 -9.27
CA LEU A 224 -20.94 -12.01 -8.54
C LEU A 224 -20.93 -11.15 -7.28
N ALA A 225 -20.13 -11.53 -6.29
CA ALA A 225 -20.05 -10.86 -4.99
C ALA A 225 -19.38 -9.48 -4.84
N TYR A 226 -19.84 -8.77 -3.83
CA TYR A 226 -19.34 -7.45 -3.45
C TYR A 226 -18.98 -7.62 -1.97
N LEU A 227 -18.08 -6.78 -1.49
CA LEU A 227 -17.69 -6.84 -0.10
C LEU A 227 -18.82 -6.23 0.71
N PRO A 228 -19.03 -6.72 1.93
CA PRO A 228 -20.08 -6.14 2.75
C PRO A 228 -19.80 -4.65 2.98
N PHE A 229 -20.82 -3.89 3.30
CA PHE A 229 -20.64 -2.45 3.55
C PHE A 229 -20.21 -2.27 4.97
N ASN A 230 -19.21 -1.42 5.19
CA ASN A 230 -18.81 -1.17 6.56
C ASN A 230 -19.96 -0.33 7.12
N ASN A 231 -20.81 -0.96 7.93
CA ASN A 231 -21.92 -0.21 8.51
C ASN A 231 -21.43 0.70 9.64
N LYS A 232 -20.49 1.58 9.29
CA LYS A 232 -20.01 2.60 10.19
C LYS A 232 -20.50 3.91 9.66
N LYS A 233 -20.95 4.78 10.53
CA LYS A 233 -21.38 6.13 10.14
C LYS A 233 -20.91 7.13 11.18
N PRO A 234 -20.62 8.36 10.75
CA PRO A 234 -20.77 8.75 9.34
C PRO A 234 -19.75 8.04 8.44
N SER A 235 -20.13 7.80 7.19
CA SER A 235 -19.25 7.12 6.25
C SER A 235 -18.75 8.10 5.19
N PRO A 236 -17.45 8.07 4.94
CA PRO A 236 -16.82 8.97 3.97
C PRO A 236 -17.35 8.72 2.56
N CYS A 237 -17.55 7.47 2.21
CA CYS A 237 -18.07 7.12 0.89
C CYS A 237 -19.45 7.71 0.69
N GLU A 238 -20.27 7.65 1.74
CA GLU A 238 -21.62 8.19 1.68
C GLU A 238 -21.46 9.67 1.42
N PHE A 239 -20.53 10.28 2.17
CA PHE A 239 -20.25 11.69 2.09
C PHE A 239 -19.97 12.26 0.71
N ILE A 240 -19.26 11.55 -0.15
CA ILE A 240 -18.96 12.16 -1.43
C ILE A 240 -20.20 12.28 -2.27
N ASN A 241 -21.22 11.57 -1.85
CA ASN A 241 -22.46 11.56 -2.58
C ASN A 241 -23.63 11.18 -1.72
N THR A 242 -24.19 12.15 -1.02
CA THR A 242 -25.29 11.84 -0.13
C THR A 242 -26.60 11.46 -0.78
N THR A 243 -26.66 11.44 -2.12
CA THR A 243 -27.88 11.02 -2.80
C THR A 243 -27.72 9.54 -3.08
N ALA A 244 -26.53 9.15 -3.49
CA ALA A 244 -26.22 7.76 -3.78
C ALA A 244 -26.26 6.98 -2.48
N ARG A 245 -25.85 7.64 -1.39
CA ARG A 245 -25.84 7.02 -0.06
C ARG A 245 -25.16 5.64 0.07
N VAL A 246 -24.10 5.42 -0.69
CA VAL A 246 -23.45 4.11 -0.71
C VAL A 246 -22.21 4.10 0.16
N PRO A 247 -22.29 3.41 1.32
CA PRO A 247 -21.17 3.33 2.26
C PRO A 247 -19.92 2.65 1.69
N CYS A 248 -18.83 2.74 2.45
CA CYS A 248 -17.57 2.14 2.05
C CYS A 248 -17.68 0.63 2.30
N PHE A 249 -16.76 -0.14 1.72
CA PHE A 249 -16.74 -1.60 1.87
C PHE A 249 -16.00 -2.02 3.14
N LEU A 250 -16.34 -3.21 3.64
CA LEU A 250 -15.66 -3.72 4.83
C LEU A 250 -14.66 -4.77 4.33
N ALA A 251 -13.39 -4.57 4.64
CA ALA A 251 -12.33 -5.47 4.20
C ALA A 251 -11.32 -5.78 5.30
N GLY A 252 -10.37 -6.66 5.00
CA GLY A 252 -9.36 -7.04 5.96
C GLY A 252 -8.46 -5.87 6.27
N ASP A 253 -8.39 -4.93 5.34
CA ASP A 253 -7.58 -3.73 5.51
C ASP A 253 -8.56 -2.58 5.48
N PHE A 254 -8.46 -1.71 6.46
CA PHE A 254 -9.36 -0.58 6.58
C PHE A 254 -9.29 0.50 5.48
N ARG A 255 -8.40 0.34 4.52
CA ARG A 255 -8.17 1.35 3.49
C ARG A 255 -8.78 1.07 2.12
N ALA A 256 -9.33 -0.10 1.96
CA ALA A 256 -9.90 -0.61 0.70
C ALA A 256 -10.72 0.33 -0.17
N SER A 257 -11.48 1.23 0.43
CA SER A 257 -12.32 2.13 -0.35
C SER A 257 -11.69 3.49 -0.65
N GLU A 258 -10.41 3.63 -0.35
CA GLU A 258 -9.73 4.89 -0.59
C GLU A 258 -9.91 5.36 -2.04
N GLN A 259 -9.76 4.45 -2.99
CA GLN A 259 -9.98 4.79 -4.38
C GLN A 259 -10.62 3.57 -5.06
N ILE A 260 -11.53 3.84 -5.98
CA ILE A 260 -12.30 2.84 -6.70
C ILE A 260 -11.58 1.67 -7.35
N LEU A 261 -10.33 1.83 -7.72
CA LEU A 261 -9.61 0.71 -8.33
C LEU A 261 -9.01 -0.21 -7.26
N LEU A 262 -8.75 0.35 -6.08
CA LEU A 262 -8.23 -0.46 -4.99
C LEU A 262 -9.38 -1.34 -4.52
N ALA A 263 -10.56 -0.74 -4.38
CA ALA A 263 -11.76 -1.46 -3.94
C ALA A 263 -12.05 -2.56 -4.95
N THR A 264 -11.75 -2.30 -6.21
CA THR A 264 -11.97 -3.24 -7.30
C THR A 264 -11.09 -4.47 -7.12
N ALA A 265 -9.83 -4.24 -6.71
CA ALA A 265 -8.86 -5.30 -6.51
C ALA A 265 -9.21 -6.15 -5.29
N HIS A 266 -9.73 -5.50 -4.25
CA HIS A 266 -10.12 -6.24 -3.07
C HIS A 266 -11.22 -7.23 -3.46
N THR A 267 -12.16 -6.76 -4.27
CA THR A 267 -13.27 -7.58 -4.73
C THR A 267 -12.84 -8.82 -5.51
N LEU A 268 -11.84 -8.69 -6.37
CA LEU A 268 -11.39 -9.86 -7.11
C LEU A 268 -10.87 -10.88 -6.12
N LEU A 269 -10.15 -10.38 -5.12
CA LEU A 269 -9.55 -11.22 -4.09
C LEU A 269 -10.55 -11.90 -3.17
N LEU A 270 -11.54 -11.16 -2.70
CA LEU A 270 -12.53 -11.78 -1.82
C LEU A 270 -13.21 -12.82 -2.68
N ARG A 271 -13.47 -12.46 -3.92
CA ARG A 271 -14.16 -13.31 -4.84
C ARG A 271 -13.38 -14.57 -5.04
N GLU A 272 -12.10 -14.46 -5.28
CA GLU A 272 -11.23 -15.61 -5.40
C GLU A 272 -11.26 -16.51 -4.17
N HIS A 273 -11.39 -15.91 -3.00
CA HIS A 273 -11.42 -16.71 -1.77
C HIS A 273 -12.65 -17.63 -1.72
N ASN A 274 -13.79 -17.08 -2.10
CA ASN A 274 -15.02 -17.84 -2.10
C ASN A 274 -15.08 -18.83 -3.25
N ARG A 275 -14.38 -18.55 -4.34
CA ARG A 275 -14.36 -19.46 -5.48
C ARG A 275 -13.48 -20.64 -5.09
N LEU A 276 -12.51 -20.36 -4.24
CA LEU A 276 -11.58 -21.39 -3.78
C LEU A 276 -12.26 -22.31 -2.77
N ALA A 277 -13.01 -21.71 -1.86
CA ALA A 277 -13.72 -22.45 -0.82
C ALA A 277 -14.72 -23.40 -1.46
N ARG A 278 -15.39 -22.93 -2.52
CA ARG A 278 -16.37 -23.75 -3.21
C ARG A 278 -15.73 -24.98 -3.83
N GLU A 279 -14.79 -24.77 -4.76
CA GLU A 279 -14.13 -25.90 -5.41
C GLU A 279 -13.46 -26.85 -4.42
N LEU A 280 -13.06 -26.35 -3.26
CA LEU A 280 -12.43 -27.22 -2.26
C LEU A 280 -13.46 -28.13 -1.61
N LYS A 281 -14.63 -27.55 -1.30
CA LYS A 281 -15.76 -28.26 -0.70
C LYS A 281 -16.23 -29.37 -1.64
N LYS A 282 -16.36 -29.04 -2.92
CA LYS A 282 -16.77 -30.01 -3.92
C LYS A 282 -15.75 -31.13 -3.93
N LEU A 283 -14.50 -30.77 -3.67
CA LEU A 283 -13.40 -31.72 -3.68
C LEU A 283 -13.18 -32.40 -2.34
N ASN A 284 -13.74 -31.84 -1.26
CA ASN A 284 -13.57 -32.42 0.09
C ASN A 284 -14.74 -32.09 1.00
N PRO A 285 -15.85 -32.86 0.90
CA PRO A 285 -17.02 -32.59 1.73
C PRO A 285 -16.76 -32.91 3.19
N HIS A 286 -15.74 -33.71 3.46
CA HIS A 286 -15.43 -34.03 4.84
C HIS A 286 -14.84 -32.83 5.55
N TRP A 287 -14.18 -31.99 4.77
CA TRP A 287 -13.54 -30.77 5.26
C TRP A 287 -14.55 -29.79 5.87
N ASN A 288 -14.24 -29.28 7.06
CA ASN A 288 -15.16 -28.33 7.71
C ASN A 288 -14.91 -26.85 7.39
N GLY A 289 -15.75 -25.99 7.97
CA GLY A 289 -15.64 -24.56 7.75
C GLY A 289 -14.27 -23.96 7.99
N GLU A 290 -13.68 -24.27 9.13
CA GLU A 290 -12.36 -23.76 9.48
C GLU A 290 -11.35 -24.27 8.45
N LYS A 291 -11.46 -25.56 8.16
CA LYS A 291 -10.58 -26.21 7.20
C LYS A 291 -10.71 -25.60 5.81
N LEU A 292 -11.93 -25.29 5.39
CA LEU A 292 -12.11 -24.68 4.08
C LEU A 292 -11.58 -23.25 4.09
N TYR A 293 -11.95 -22.48 5.11
CA TYR A 293 -11.52 -21.09 5.27
C TYR A 293 -10.00 -20.97 5.37
N GLN A 294 -9.36 -21.90 6.08
CA GLN A 294 -7.91 -21.84 6.24
C GLN A 294 -7.12 -22.29 5.01
N GLU A 295 -7.54 -23.35 4.36
CA GLU A 295 -6.82 -23.80 3.18
C GLU A 295 -7.00 -22.85 2.01
N ALA A 296 -8.08 -22.08 2.02
CA ALA A 296 -8.31 -21.10 0.96
C ALA A 296 -7.37 -19.92 1.23
N ARG A 297 -7.42 -19.43 2.46
CA ARG A 297 -6.60 -18.32 2.92
C ARG A 297 -5.14 -18.62 2.68
N LYS A 298 -4.76 -19.89 2.80
CA LYS A 298 -3.39 -20.29 2.60
C LYS A 298 -3.10 -20.19 1.11
N ILE A 299 -4.06 -20.57 0.27
CA ILE A 299 -3.87 -20.51 -1.17
C ILE A 299 -3.78 -19.08 -1.69
N LEU A 300 -4.63 -18.20 -1.18
CA LEU A 300 -4.65 -16.82 -1.62
C LEU A 300 -3.37 -16.09 -1.26
N GLY A 301 -2.81 -16.40 -0.09
CA GLY A 301 -1.58 -15.74 0.33
C GLY A 301 -0.42 -16.18 -0.55
N ALA A 302 -0.51 -17.42 -1.00
CA ALA A 302 0.52 -17.98 -1.85
C ALA A 302 0.43 -17.29 -3.21
N PHE A 303 -0.79 -16.93 -3.60
CA PHE A 303 -1.03 -16.29 -4.89
C PHE A 303 -0.49 -14.86 -4.90
N ILE A 304 -0.70 -14.15 -3.81
CA ILE A 304 -0.21 -12.78 -3.71
C ILE A 304 1.31 -12.79 -3.71
N GLN A 305 1.90 -13.81 -3.09
CA GLN A 305 3.34 -13.93 -3.02
C GLN A 305 3.97 -14.20 -4.37
N ILE A 306 3.48 -15.20 -5.09
CA ILE A 306 4.03 -15.55 -6.41
C ILE A 306 3.96 -14.37 -7.38
N ILE A 307 2.78 -13.79 -7.50
CA ILE A 307 2.59 -12.66 -8.39
C ILE A 307 3.53 -11.51 -8.02
N THR A 308 3.71 -11.27 -6.73
CA THR A 308 4.59 -10.19 -6.30
C THR A 308 6.04 -10.47 -6.63
N PHE A 309 6.59 -11.54 -6.09
CA PHE A 309 8.00 -11.88 -6.33
C PHE A 309 8.36 -12.38 -7.73
N ARG A 310 7.40 -12.95 -8.46
CA ARG A 310 7.70 -13.45 -9.79
C ARG A 310 7.26 -12.54 -10.94
N ASP A 311 6.23 -11.73 -10.71
CA ASP A 311 5.72 -10.84 -11.75
C ASP A 311 5.85 -9.36 -11.49
N TYR A 312 5.80 -8.97 -10.21
CA TYR A 312 5.86 -7.57 -9.86
C TYR A 312 7.15 -6.91 -9.41
N LEU A 313 7.91 -7.59 -8.56
CA LEU A 313 9.21 -7.06 -8.16
C LEU A 313 10.31 -7.06 -9.24
N PRO A 314 10.32 -7.97 -10.16
CA PRO A 314 11.39 -7.89 -11.12
C PRO A 314 11.32 -6.62 -11.97
N ILE A 315 10.12 -6.17 -12.31
CA ILE A 315 9.94 -5.02 -13.15
C ILE A 315 9.85 -3.75 -12.36
N VAL A 316 10.08 -3.84 -11.08
CA VAL A 316 10.15 -2.63 -10.25
C VAL A 316 11.63 -2.45 -9.88
N LEU A 317 12.30 -3.59 -9.70
CA LEU A 317 13.70 -3.62 -9.37
C LEU A 317 14.61 -3.89 -10.56
N GLY A 318 14.03 -4.11 -11.73
CA GLY A 318 14.82 -4.34 -12.92
C GLY A 318 16.15 -5.05 -12.76
N SER A 319 17.23 -4.36 -13.11
CA SER A 319 18.56 -4.95 -13.01
C SER A 319 18.96 -5.31 -11.58
N GLU A 320 18.52 -4.51 -10.62
CA GLU A 320 18.86 -4.71 -9.21
C GLU A 320 18.16 -5.88 -8.52
N MET A 321 17.14 -6.44 -9.17
CA MET A 321 16.40 -7.56 -8.59
C MET A 321 17.38 -8.57 -8.00
N GLN A 322 18.26 -9.09 -8.84
CA GLN A 322 19.24 -10.08 -8.40
C GLN A 322 20.21 -9.66 -7.31
N LYS A 323 20.62 -8.39 -7.33
CA LYS A 323 21.54 -7.91 -6.33
C LYS A 323 20.92 -7.99 -4.94
N TRP A 324 19.59 -7.92 -4.89
CA TRP A 324 18.87 -7.91 -3.63
C TRP A 324 17.93 -9.05 -3.26
N ILE A 325 17.33 -9.70 -4.25
CA ILE A 325 16.50 -10.85 -3.97
C ILE A 325 17.12 -11.87 -4.91
N PRO A 326 18.08 -12.66 -4.40
CA PRO A 326 18.67 -13.81 -5.08
C PRO A 326 17.80 -15.05 -4.87
N PRO A 327 18.20 -16.19 -5.45
CA PRO A 327 17.46 -17.45 -5.32
C PRO A 327 16.96 -17.70 -3.90
N TYR A 328 15.72 -18.18 -3.77
CA TYR A 328 15.20 -18.46 -2.44
C TYR A 328 15.99 -19.66 -1.92
N GLN A 329 16.81 -19.42 -0.91
CA GLN A 329 17.64 -20.47 -0.32
C GLN A 329 16.91 -21.24 0.76
N GLY A 330 15.71 -20.79 1.12
CA GLY A 330 14.96 -21.48 2.16
C GLY A 330 14.64 -20.60 3.37
N TYR A 331 13.65 -20.99 4.15
CA TYR A 331 13.27 -20.21 5.34
C TYR A 331 14.35 -20.10 6.35
N ASN A 332 14.65 -18.88 6.72
CA ASN A 332 15.65 -18.64 7.73
C ASN A 332 15.14 -17.83 8.91
N ASN A 333 14.88 -18.45 10.03
CA ASN A 333 14.39 -17.74 11.19
C ASN A 333 15.24 -16.60 11.78
N SER A 334 16.48 -16.42 11.32
CA SER A 334 17.37 -15.43 11.93
C SER A 334 17.22 -14.06 11.27
N VAL A 335 16.38 -14.01 10.24
CA VAL A 335 16.11 -12.79 9.48
C VAL A 335 15.00 -11.98 10.15
N ASP A 336 15.19 -10.67 10.27
CA ASP A 336 14.17 -9.79 10.84
C ASP A 336 13.13 -9.70 9.73
N PRO A 337 11.91 -10.19 9.99
CA PRO A 337 10.88 -10.12 8.95
C PRO A 337 10.01 -8.86 9.04
N ARG A 338 10.31 -8.00 10.00
CA ARG A 338 9.56 -6.77 10.23
C ARG A 338 9.68 -5.71 9.14
N ILE A 339 8.68 -4.83 9.05
CA ILE A 339 8.70 -3.77 8.08
C ILE A 339 9.46 -2.61 8.73
N SER A 340 10.43 -2.08 7.99
CA SER A 340 11.19 -0.97 8.53
C SER A 340 10.31 0.26 8.35
N ASN A 341 10.60 1.28 9.13
CA ASN A 341 9.87 2.53 9.06
C ASN A 341 10.08 3.19 7.68
N VAL A 342 11.33 3.19 7.21
CA VAL A 342 11.71 3.80 5.94
C VAL A 342 11.01 3.19 4.73
N PHE A 343 10.78 1.89 4.77
CA PHE A 343 10.11 1.20 3.66
C PHE A 343 8.71 1.77 3.41
N THR A 344 7.98 2.09 4.48
CA THR A 344 6.62 2.61 4.34
C THR A 344 6.65 3.91 3.55
N PHE A 345 7.81 4.55 3.50
CA PHE A 345 7.98 5.78 2.75
C PHE A 345 8.56 5.48 1.38
N ALA A 346 9.45 4.49 1.33
CA ALA A 346 10.08 4.10 0.10
C ALA A 346 9.08 3.45 -0.87
N PHE A 347 8.11 2.73 -0.37
CA PHE A 347 7.15 2.05 -1.18
C PHE A 347 6.23 3.04 -1.78
N ARG A 348 6.24 4.23 -1.25
CA ARG A 348 5.39 5.29 -1.80
C ARG A 348 5.81 5.73 -3.19
N PHE A 349 6.84 5.11 -3.74
CA PHE A 349 7.30 5.52 -5.07
C PHE A 349 6.05 5.39 -5.96
N GLY A 350 5.10 4.56 -5.50
CA GLY A 350 3.86 4.34 -6.23
C GLY A 350 3.01 5.56 -6.49
N HIS A 351 3.08 6.54 -5.60
CA HIS A 351 2.29 7.75 -5.76
C HIS A 351 2.58 8.45 -7.09
N MET A 352 3.75 8.20 -7.66
CA MET A 352 4.12 8.82 -8.94
C MET A 352 3.82 7.91 -10.13
N GLU A 353 3.07 6.85 -9.87
CA GLU A 353 2.71 5.95 -10.94
C GLU A 353 1.21 6.05 -11.17
N VAL A 354 0.54 6.83 -10.33
CA VAL A 354 -0.90 7.01 -10.47
C VAL A 354 -1.20 8.08 -11.49
N PRO A 355 -1.97 7.68 -12.51
CA PRO A 355 -2.43 8.54 -13.62
C PRO A 355 -3.63 9.41 -13.22
N SER A 356 -3.97 10.44 -13.99
CA SER A 356 -5.06 11.32 -13.59
C SER A 356 -6.48 10.87 -13.89
N THR A 357 -6.66 9.79 -14.63
CA THR A 357 -8.01 9.33 -14.93
C THR A 357 -8.18 7.82 -14.79
N VAL A 358 -9.42 7.37 -14.73
CA VAL A 358 -9.73 5.96 -14.62
C VAL A 358 -10.82 5.72 -15.64
N SER A 359 -10.67 4.69 -16.46
CA SER A 359 -11.64 4.35 -17.50
C SER A 359 -12.44 3.07 -17.29
N ARG A 360 -13.68 3.09 -17.75
CA ARG A 360 -14.54 1.95 -17.72
C ARG A 360 -14.68 1.56 -19.15
N LEU A 361 -14.41 0.30 -19.48
CA LEU A 361 -14.46 -0.16 -20.87
C LEU A 361 -15.48 -1.29 -21.04
N ASP A 362 -16.15 -1.34 -22.20
CA ASP A 362 -17.15 -2.38 -22.46
C ASP A 362 -16.53 -3.64 -23.07
N GLU A 363 -17.35 -4.67 -23.30
CA GLU A 363 -16.85 -5.96 -23.80
C GLU A 363 -15.93 -5.79 -25.00
N ASN A 364 -16.08 -4.66 -25.70
CA ASN A 364 -15.24 -4.35 -26.83
C ASN A 364 -14.21 -3.31 -26.40
N TYR A 365 -13.84 -3.37 -25.12
CA TYR A 365 -12.87 -2.43 -24.55
C TYR A 365 -12.96 -0.94 -24.88
N GLN A 366 -14.20 -0.46 -25.09
CA GLN A 366 -14.46 0.89 -25.59
C GLN A 366 -15.10 1.76 -24.51
N PRO A 367 -14.91 3.05 -24.61
CA PRO A 367 -15.38 3.86 -23.51
C PRO A 367 -16.79 3.43 -23.28
N TRP A 368 -17.00 3.08 -22.03
CA TRP A 368 -18.26 2.58 -21.51
C TRP A 368 -19.19 3.71 -21.10
N GLY A 369 -20.18 4.00 -21.95
CA GLY A 369 -21.15 5.02 -21.63
C GLY A 369 -20.67 6.43 -21.89
N PRO A 370 -21.48 7.41 -21.55
CA PRO A 370 -21.06 8.77 -21.79
C PRO A 370 -19.88 9.23 -20.93
N GLU A 371 -19.90 9.00 -19.63
CA GLU A 371 -18.84 9.39 -18.72
C GLU A 371 -18.28 7.98 -18.76
N ALA A 372 -17.24 7.74 -19.53
CA ALA A 372 -16.33 6.60 -19.45
C ALA A 372 -15.05 6.83 -18.70
N GLU A 373 -14.49 8.00 -18.87
CA GLU A 373 -13.22 8.32 -18.26
C GLU A 373 -13.52 9.34 -17.17
N LEU A 374 -13.08 9.09 -15.96
CA LEU A 374 -13.35 10.01 -14.87
C LEU A 374 -12.05 10.51 -14.29
N PRO A 375 -12.08 11.71 -13.69
CA PRO A 375 -10.86 12.27 -13.09
C PRO A 375 -10.57 11.53 -11.78
N LEU A 376 -9.38 10.97 -11.63
CA LEU A 376 -9.03 10.23 -10.43
C LEU A 376 -9.61 10.76 -9.12
N HIS A 377 -9.59 12.08 -8.92
CA HIS A 377 -10.08 12.66 -7.68
C HIS A 377 -11.55 12.46 -7.33
N THR A 378 -12.42 12.25 -8.32
CA THR A 378 -13.84 12.05 -8.02
C THR A 378 -14.05 10.65 -7.45
N LEU A 379 -13.06 9.80 -7.65
CA LEU A 379 -13.13 8.41 -7.23
C LEU A 379 -12.53 8.09 -5.85
N PHE A 380 -12.10 9.08 -5.08
CA PHE A 380 -11.56 8.77 -3.76
C PHE A 380 -12.71 8.41 -2.82
N PHE A 381 -12.69 7.19 -2.27
CA PHE A 381 -13.75 6.75 -1.37
C PHE A 381 -15.08 6.74 -2.07
N ASN A 382 -15.03 6.33 -3.34
CA ASN A 382 -16.19 6.30 -4.19
C ASN A 382 -16.55 4.84 -4.45
N THR A 383 -17.61 4.39 -3.79
CA THR A 383 -18.10 3.01 -3.94
C THR A 383 -19.36 3.05 -4.77
N TRP A 384 -19.99 4.22 -4.85
CA TRP A 384 -21.23 4.30 -5.61
C TRP A 384 -21.07 4.05 -7.10
N ARG A 385 -19.96 4.49 -7.68
CA ARG A 385 -19.68 4.30 -9.10
C ARG A 385 -19.48 2.85 -9.49
N ILE A 386 -19.32 1.96 -8.50
CA ILE A 386 -19.15 0.54 -8.79
C ILE A 386 -20.53 -0.11 -8.74
N ILE A 387 -21.26 0.19 -7.67
CA ILE A 387 -22.57 -0.38 -7.41
C ILE A 387 -23.68 0.11 -8.31
N LYS A 388 -23.78 1.42 -8.48
CA LYS A 388 -24.83 1.99 -9.32
C LYS A 388 -24.36 2.43 -10.69
N ASP A 389 -23.14 2.04 -11.07
CA ASP A 389 -22.63 2.45 -12.38
C ASP A 389 -21.77 1.42 -13.12
N GLY A 390 -22.28 0.20 -13.30
CA GLY A 390 -21.52 -0.78 -14.05
C GLY A 390 -20.86 -2.02 -13.47
N GLY A 391 -20.65 -2.08 -12.16
CA GLY A 391 -19.97 -3.26 -11.62
C GLY A 391 -18.46 -3.09 -11.75
N ILE A 392 -17.65 -4.14 -11.58
CA ILE A 392 -16.20 -3.96 -11.68
C ILE A 392 -15.59 -4.41 -13.00
N ASP A 393 -16.36 -5.09 -13.84
CA ASP A 393 -15.84 -5.53 -15.14
C ASP A 393 -15.26 -4.37 -15.95
N PRO A 394 -16.00 -3.25 -16.06
CA PRO A 394 -15.49 -2.12 -16.84
C PRO A 394 -14.18 -1.56 -16.27
N LEU A 395 -14.05 -1.57 -14.96
CA LEU A 395 -12.86 -1.05 -14.30
C LEU A 395 -11.68 -2.00 -14.45
N VAL A 396 -11.97 -3.30 -14.38
CA VAL A 396 -10.92 -4.31 -14.51
C VAL A 396 -10.40 -4.25 -15.94
N ARG A 397 -11.28 -4.02 -16.89
CA ARG A 397 -10.84 -3.92 -18.28
C ARG A 397 -9.90 -2.73 -18.40
N GLY A 398 -10.26 -1.63 -17.73
CA GLY A 398 -9.45 -0.42 -17.76
C GLY A 398 -8.07 -0.65 -17.17
N LEU A 399 -8.01 -1.39 -16.08
CA LEU A 399 -6.75 -1.67 -15.42
C LEU A 399 -5.75 -2.41 -16.32
N LEU A 400 -6.29 -3.18 -17.27
CA LEU A 400 -5.49 -3.98 -18.20
C LEU A 400 -5.22 -3.28 -19.52
N ALA A 401 -6.21 -2.55 -20.01
CA ALA A 401 -6.09 -1.86 -21.29
C ALA A 401 -5.34 -0.56 -21.15
N LYS A 402 -5.43 0.05 -19.98
CA LYS A 402 -4.77 1.34 -19.77
C LYS A 402 -3.38 1.18 -19.16
N LYS A 403 -2.65 2.28 -19.04
CA LYS A 403 -1.29 2.28 -18.49
C LYS A 403 -1.13 3.03 -17.17
N SER A 404 0.00 2.75 -16.51
CA SER A 404 0.33 3.41 -15.27
C SER A 404 0.93 4.73 -15.71
N LYS A 405 1.15 5.63 -14.77
CA LYS A 405 1.82 6.88 -15.10
C LYS A 405 3.30 6.53 -14.94
N LEU A 406 4.14 7.17 -15.74
CA LEU A 406 5.57 6.90 -15.63
C LEU A 406 6.17 7.95 -14.71
N MET A 407 7.10 7.58 -13.88
CA MET A 407 7.72 8.53 -13.02
C MET A 407 8.46 9.46 -13.89
N ASN A 408 8.49 10.71 -13.53
CA ASN A 408 9.07 11.72 -14.39
C ASN A 408 9.64 12.79 -13.46
N GLN A 409 10.93 13.05 -13.58
CA GLN A 409 11.57 14.06 -12.75
C GLN A 409 10.95 15.45 -12.85
N ASP A 410 10.36 15.78 -14.00
CA ASP A 410 9.75 17.10 -14.16
C ASP A 410 8.25 17.04 -13.92
N LYS A 411 7.69 15.83 -13.95
CA LYS A 411 6.27 15.63 -13.70
C LYS A 411 6.08 14.51 -12.69
N MET A 412 6.21 14.81 -11.41
CA MET A 412 6.09 13.79 -10.37
C MET A 412 4.81 13.21 -9.76
N VAL A 413 3.93 14.05 -9.22
CA VAL A 413 2.63 13.59 -8.74
C VAL A 413 1.48 14.36 -9.38
N THR A 414 0.53 13.63 -9.96
CA THR A 414 -0.61 14.26 -10.60
C THR A 414 -1.37 15.14 -9.61
N SER A 415 -1.96 16.23 -10.10
CA SER A 415 -2.69 17.14 -9.22
C SER A 415 -3.96 16.55 -8.66
N GLU A 416 -4.34 15.38 -9.18
CA GLU A 416 -5.54 14.71 -8.70
C GLU A 416 -5.23 14.32 -7.26
N LEU A 417 -3.97 14.02 -7.01
CA LEU A 417 -3.51 13.61 -5.69
C LEU A 417 -2.78 14.72 -4.94
N ARG A 418 -2.28 15.70 -5.67
CA ARG A 418 -1.50 16.78 -5.09
C ARG A 418 -2.32 18.00 -4.68
N ASN A 419 -3.47 18.22 -5.31
CA ASN A 419 -4.33 19.37 -4.96
C ASN A 419 -5.74 18.92 -4.58
N LYS A 420 -6.15 17.79 -5.14
CA LYS A 420 -7.49 17.24 -4.97
C LYS A 420 -7.70 16.00 -4.10
N LEU A 421 -6.75 15.67 -3.21
CA LEU A 421 -6.95 14.50 -2.36
C LEU A 421 -8.08 14.67 -1.36
N PHE A 422 -8.90 13.64 -1.20
CA PHE A 422 -10.00 13.70 -0.24
C PHE A 422 -9.58 12.84 0.93
N GLN A 423 -9.69 13.38 2.10
CA GLN A 423 -9.34 12.70 3.32
C GLN A 423 -10.54 12.53 4.20
N PRO A 424 -10.63 11.43 4.89
CA PRO A 424 -11.74 11.26 5.83
C PRO A 424 -11.58 12.09 7.10
N THR A 425 -12.68 12.63 7.58
CA THR A 425 -12.78 13.61 8.66
C THR A 425 -12.61 15.01 8.09
N HIS A 426 -12.57 15.04 6.79
CA HIS A 426 -12.52 16.30 6.16
C HIS A 426 -13.51 16.33 5.04
N LYS A 427 -14.04 17.50 4.82
CA LYS A 427 -15.03 17.62 3.80
C LYS A 427 -14.52 17.93 2.42
N ILE A 428 -13.28 18.32 2.30
CA ILE A 428 -12.89 18.79 1.01
C ILE A 428 -11.99 17.89 0.17
N HIS A 429 -12.00 18.12 -1.13
CA HIS A 429 -11.19 17.41 -2.10
C HIS A 429 -10.11 18.46 -2.34
N GLY A 430 -9.38 18.80 -1.29
CA GLY A 430 -8.35 19.81 -1.40
C GLY A 430 -7.05 19.47 -0.70
N PHE A 431 -6.77 18.20 -0.50
CA PHE A 431 -5.54 17.80 0.16
C PHE A 431 -4.41 17.49 -0.82
N ASP A 432 -3.21 17.30 -0.27
CA ASP A 432 -1.98 17.03 -1.04
C ASP A 432 -1.19 15.80 -0.56
N LEU A 433 -1.29 14.69 -1.27
CA LEU A 433 -0.58 13.47 -0.89
C LEU A 433 0.93 13.64 -0.77
N ALA A 434 1.51 14.53 -1.57
CA ALA A 434 2.95 14.74 -1.53
C ALA A 434 3.36 15.56 -0.31
N ALA A 435 2.64 16.65 -0.06
CA ALA A 435 2.95 17.46 1.12
C ALA A 435 2.76 16.55 2.33
N ILE A 436 1.72 15.71 2.28
CA ILE A 436 1.41 14.77 3.34
C ILE A 436 2.55 13.77 3.52
N ASN A 437 3.02 13.16 2.43
CA ASN A 437 4.14 12.23 2.51
C ASN A 437 5.32 12.87 3.22
N LEU A 438 5.60 14.11 2.89
CA LEU A 438 6.72 14.82 3.47
C LEU A 438 6.51 15.21 4.92
N GLN A 439 5.28 15.51 5.31
CA GLN A 439 5.05 15.85 6.71
C GLN A 439 5.17 14.58 7.54
N ARG A 440 4.86 13.45 6.93
CA ARG A 440 4.91 12.16 7.58
C ARG A 440 6.32 11.58 7.67
N CYS A 441 7.19 11.93 6.72
CA CYS A 441 8.59 11.47 6.72
C CYS A 441 9.18 11.99 8.01
N ARG A 442 8.84 13.26 8.25
CA ARG A 442 9.28 14.02 9.38
C ARG A 442 8.59 13.52 10.63
N ASP A 443 7.29 13.25 10.53
CA ASP A 443 6.54 12.76 11.69
C ASP A 443 7.15 11.45 12.24
N HIS A 444 7.66 10.60 11.35
CA HIS A 444 8.27 9.34 11.73
C HIS A 444 9.73 9.48 12.12
N GLY A 445 10.23 10.70 12.23
CA GLY A 445 11.63 10.87 12.61
C GLY A 445 12.60 10.24 11.60
N MET A 446 12.27 10.28 10.32
CA MET A 446 13.13 9.74 9.29
C MET A 446 14.44 10.50 9.10
N PRO A 447 15.54 9.76 9.05
CA PRO A 447 16.84 10.40 8.83
C PRO A 447 16.89 10.91 7.37
N GLY A 448 17.70 11.93 7.11
CA GLY A 448 17.80 12.48 5.77
C GLY A 448 18.25 11.56 4.66
N TYR A 449 18.22 12.09 3.44
CA TYR A 449 18.58 11.40 2.21
C TYR A 449 19.97 10.81 2.12
N ASN A 450 20.98 11.55 2.62
CA ASN A 450 22.33 11.03 2.54
C ASN A 450 22.62 9.91 3.53
N SER A 451 21.95 9.92 4.68
CA SER A 451 22.14 8.88 5.67
C SER A 451 21.71 7.57 5.00
N TRP A 452 20.63 7.66 4.23
CA TRP A 452 20.11 6.50 3.54
C TRP A 452 20.98 6.14 2.33
N ARG A 453 21.67 7.11 1.73
CA ARG A 453 22.56 6.77 0.61
C ARG A 453 23.74 6.07 1.26
N GLY A 454 24.15 6.62 2.40
CA GLY A 454 25.27 6.06 3.14
C GLY A 454 24.96 4.62 3.53
N PHE A 455 23.74 4.42 4.03
CA PHE A 455 23.24 3.13 4.47
C PHE A 455 23.28 2.11 3.36
N CYS A 456 22.92 2.54 2.17
CA CYS A 456 22.89 1.68 1.00
C CYS A 456 24.23 1.67 0.28
N GLY A 457 25.24 2.29 0.89
CA GLY A 457 26.56 2.29 0.27
C GLY A 457 26.66 3.14 -0.97
N LEU A 458 25.99 4.29 -0.98
CA LEU A 458 26.02 5.16 -2.13
C LEU A 458 26.68 6.47 -1.78
N SER A 459 27.06 7.24 -2.79
CA SER A 459 27.69 8.54 -2.56
C SER A 459 26.78 9.54 -1.88
N GLN A 460 27.39 10.46 -1.15
CA GLN A 460 26.64 11.47 -0.44
C GLN A 460 27.07 12.77 -1.04
N PRO A 461 26.25 13.31 -1.96
CA PRO A 461 26.48 14.61 -2.57
C PRO A 461 26.42 15.67 -1.48
N LYS A 462 27.41 16.56 -1.45
CA LYS A 462 27.43 17.60 -0.45
C LYS A 462 27.28 18.98 -1.07
N THR A 463 27.30 19.01 -2.40
CA THR A 463 27.17 20.26 -3.15
C THR A 463 26.10 20.16 -4.23
N LEU A 464 25.79 21.31 -4.82
CA LEU A 464 24.82 21.38 -5.91
C LEU A 464 25.34 20.48 -7.02
N LYS A 465 26.60 20.67 -7.36
CA LYS A 465 27.21 19.88 -8.42
C LYS A 465 27.10 18.41 -8.12
N GLY A 466 27.22 18.02 -6.84
CA GLY A 466 27.13 16.60 -6.52
C GLY A 466 25.76 16.03 -6.79
N LEU A 467 24.73 16.81 -6.47
CA LEU A 467 23.34 16.38 -6.63
C LEU A 467 22.94 16.22 -8.10
N GLN A 468 23.34 17.17 -8.94
CA GLN A 468 23.01 17.11 -10.37
C GLN A 468 23.53 15.81 -10.96
N THR A 469 24.73 15.43 -10.52
CA THR A 469 25.37 14.22 -11.00
C THR A 469 24.61 12.99 -10.56
N VAL A 470 24.11 13.03 -9.33
CA VAL A 470 23.35 11.92 -8.77
C VAL A 470 21.96 11.87 -9.40
N LEU A 471 21.27 13.01 -9.47
CA LEU A 471 19.95 13.07 -10.03
C LEU A 471 20.00 13.12 -11.54
N LYS A 472 21.18 13.39 -12.10
CA LYS A 472 21.34 13.50 -13.55
C LYS A 472 20.35 14.55 -14.02
N ASN A 473 20.27 15.63 -13.25
CA ASN A 473 19.33 16.69 -13.57
C ASN A 473 20.07 17.89 -12.97
N LYS A 474 20.25 18.95 -13.76
CA LYS A 474 20.67 20.25 -13.23
C LYS A 474 19.52 20.99 -12.58
N ILE A 475 18.40 21.12 -13.29
CA ILE A 475 17.24 21.88 -12.81
C ILE A 475 16.58 21.37 -11.52
N LEU A 476 16.39 20.06 -11.39
CA LEU A 476 15.82 19.50 -10.17
C LEU A 476 16.77 19.73 -8.98
N ALA A 477 18.06 19.56 -9.24
CA ALA A 477 19.06 19.74 -8.20
C ALA A 477 19.08 21.17 -7.65
N LYS A 478 18.97 22.16 -8.54
CA LYS A 478 18.98 23.57 -8.12
C LYS A 478 17.79 23.89 -7.24
N LYS A 479 16.61 23.39 -7.64
CA LYS A 479 15.40 23.62 -6.89
C LYS A 479 15.52 22.92 -5.53
N LEU A 480 15.98 21.68 -5.54
CA LEU A 480 16.15 20.96 -4.29
C LEU A 480 17.13 21.71 -3.40
N MET A 481 18.27 22.10 -3.95
CA MET A 481 19.24 22.85 -3.16
C MET A 481 18.65 24.16 -2.66
N ASP A 482 17.93 24.89 -3.52
CA ASP A 482 17.31 26.16 -3.13
C ASP A 482 16.37 25.99 -1.95
N LEU A 483 15.79 24.80 -1.83
CA LEU A 483 14.85 24.51 -0.76
C LEU A 483 15.38 23.86 0.52
N TYR A 484 16.14 22.81 0.35
CA TYR A 484 16.82 22.14 1.41
C TYR A 484 18.19 22.70 1.21
N LYS A 485 18.81 23.32 2.15
CA LYS A 485 20.03 23.99 1.71
C LYS A 485 21.16 23.03 1.41
N THR A 486 21.00 21.81 1.88
CA THR A 486 21.99 20.73 1.82
C THR A 486 21.34 19.39 1.48
N PRO A 487 22.00 18.58 0.63
CA PRO A 487 21.48 17.27 0.25
C PRO A 487 21.26 16.41 1.48
N ASP A 488 21.89 16.79 2.58
CA ASP A 488 21.77 16.07 3.83
C ASP A 488 20.38 16.29 4.42
N ASN A 489 19.79 17.44 4.11
CA ASN A 489 18.45 17.80 4.60
C ASN A 489 17.27 17.32 3.77
N ILE A 490 17.53 16.89 2.55
CA ILE A 490 16.46 16.40 1.67
C ILE A 490 15.68 15.24 2.30
N ASP A 491 14.36 15.39 2.41
CA ASP A 491 13.49 14.33 2.91
C ASP A 491 13.65 13.06 2.05
N ILE A 492 13.78 11.91 2.71
CA ILE A 492 13.98 10.65 2.00
C ILE A 492 12.95 10.32 0.92
N TRP A 493 11.68 10.68 1.14
CA TRP A 493 10.67 10.35 0.14
C TRP A 493 10.91 11.03 -1.19
N ILE A 494 11.31 12.30 -1.14
CA ILE A 494 11.53 13.04 -2.36
C ILE A 494 12.93 12.76 -2.94
N GLY A 495 13.91 12.58 -2.07
CA GLY A 495 15.26 12.29 -2.54
C GLY A 495 15.31 10.93 -3.22
N GLY A 496 14.71 9.93 -2.58
CA GLY A 496 14.68 8.60 -3.14
C GLY A 496 13.98 8.60 -4.49
N ASN A 497 12.85 9.30 -4.57
CA ASN A 497 12.06 9.35 -5.79
C ASN A 497 12.59 10.25 -6.91
N ALA A 498 13.54 11.12 -6.60
CA ALA A 498 14.08 12.03 -7.61
C ALA A 498 15.19 11.40 -8.44
N GLU A 499 15.71 10.27 -7.96
CA GLU A 499 16.78 9.57 -8.66
C GLU A 499 16.32 8.91 -9.94
N PRO A 500 17.12 8.99 -11.01
CA PRO A 500 16.74 8.37 -12.28
C PRO A 500 16.56 6.88 -12.05
N MET A 501 15.62 6.26 -12.77
CA MET A 501 15.36 4.83 -12.60
C MET A 501 16.49 3.94 -13.08
N VAL A 502 16.63 2.77 -12.46
CA VAL A 502 17.65 1.80 -12.85
C VAL A 502 17.12 1.11 -14.11
N GLU A 503 18.00 0.50 -14.87
CA GLU A 503 17.63 -0.09 -16.12
C GLU A 503 16.60 -1.18 -15.89
N ARG A 504 15.66 -1.31 -16.81
CA ARG A 504 14.59 -2.31 -16.70
C ARG A 504 14.04 -2.36 -15.28
N GLY A 505 14.05 -1.22 -14.59
CA GLY A 505 13.28 -1.05 -13.36
C GLY A 505 12.37 0.16 -13.39
N ARG A 506 11.92 0.62 -12.22
CA ARG A 506 11.03 1.77 -12.17
C ARG A 506 11.26 2.65 -10.95
N VAL A 507 12.38 2.40 -10.28
CA VAL A 507 12.83 3.17 -9.13
C VAL A 507 14.34 3.26 -9.29
N GLY A 508 14.97 4.24 -8.67
CA GLY A 508 16.41 4.40 -8.76
C GLY A 508 17.22 3.56 -7.76
N PRO A 509 18.55 3.74 -7.73
CA PRO A 509 19.48 3.03 -6.85
C PRO A 509 19.09 3.02 -5.38
N LEU A 510 18.96 4.20 -4.80
CA LEU A 510 18.59 4.28 -3.40
C LEU A 510 17.32 3.48 -3.11
N LEU A 511 16.30 3.65 -3.94
CA LEU A 511 15.06 2.93 -3.73
C LEU A 511 15.14 1.43 -4.00
N ALA A 512 15.92 1.02 -5.00
CA ALA A 512 16.06 -0.40 -5.32
C ALA A 512 16.69 -1.10 -4.13
N CYS A 513 17.61 -0.40 -3.48
CA CYS A 513 18.28 -0.93 -2.31
C CYS A 513 17.35 -1.03 -1.10
N LEU A 514 16.66 0.05 -0.76
CA LEU A 514 15.75 0.05 0.38
C LEU A 514 14.59 -0.91 0.15
N LEU A 515 14.04 -0.92 -1.07
CA LEU A 515 12.95 -1.83 -1.38
C LEU A 515 13.50 -3.26 -1.39
N GLY A 516 14.51 -3.51 -2.22
CA GLY A 516 15.11 -4.82 -2.34
C GLY A 516 15.39 -5.57 -1.04
N ARG A 517 15.93 -4.88 -0.05
CA ARG A 517 16.25 -5.51 1.24
C ARG A 517 15.01 -5.95 2.02
N GLN A 518 13.97 -5.11 2.00
CA GLN A 518 12.75 -5.42 2.72
C GLN A 518 12.08 -6.66 2.17
N PHE A 519 11.90 -6.71 0.85
CA PHE A 519 11.30 -7.87 0.22
C PHE A 519 12.12 -9.15 0.40
N GLN A 520 13.43 -9.02 0.57
CA GLN A 520 14.28 -10.18 0.79
C GLN A 520 13.96 -10.68 2.19
N GLN A 521 13.93 -9.76 3.15
CA GLN A 521 13.64 -10.08 4.54
C GLN A 521 12.22 -10.58 4.70
N ILE A 522 11.35 -10.11 3.84
CA ILE A 522 9.97 -10.53 3.74
C ILE A 522 9.83 -12.00 3.32
N ARG A 523 10.68 -12.43 2.42
CA ARG A 523 10.61 -13.79 1.88
C ARG A 523 11.37 -14.73 2.82
N ASP A 524 12.65 -14.45 3.02
CA ASP A 524 13.53 -15.26 3.85
C ASP A 524 13.11 -15.42 5.31
N GLY A 525 12.37 -14.45 5.83
CA GLY A 525 11.96 -14.53 7.23
C GLY A 525 10.52 -14.99 7.46
N ASP A 526 9.93 -15.62 6.47
CA ASP A 526 8.56 -16.09 6.62
C ASP A 526 8.54 -17.61 6.70
N ARG A 527 8.19 -18.14 7.88
CA ARG A 527 8.12 -19.58 8.07
C ARG A 527 7.10 -20.15 7.09
N PHE A 528 6.09 -19.35 6.75
CA PHE A 528 5.03 -19.80 5.86
C PHE A 528 5.15 -19.35 4.40
N TRP A 529 6.37 -19.02 3.96
CA TRP A 529 6.55 -18.63 2.57
C TRP A 529 6.13 -19.85 1.74
N TRP A 530 5.25 -19.65 0.76
CA TRP A 530 4.74 -20.76 -0.05
C TRP A 530 5.73 -21.78 -0.59
N GLU A 531 7.02 -21.46 -0.71
CA GLU A 531 7.91 -22.50 -1.22
C GLU A 531 8.88 -22.98 -0.16
N ASN A 532 8.61 -22.59 1.09
CA ASN A 532 9.41 -23.08 2.21
C ASN A 532 8.97 -24.54 2.16
N PRO A 533 9.93 -25.47 2.07
CA PRO A 533 9.57 -26.89 1.99
C PRO A 533 8.75 -27.41 3.18
N GLY A 534 7.49 -27.75 2.94
CA GLY A 534 6.68 -28.26 4.02
C GLY A 534 5.36 -27.54 4.24
N VAL A 535 5.18 -26.41 3.57
CA VAL A 535 3.95 -25.65 3.71
C VAL A 535 2.96 -26.09 2.63
N PHE A 536 3.50 -26.65 1.54
CA PHE A 536 2.71 -27.17 0.45
C PHE A 536 3.48 -28.36 -0.08
N THR A 537 2.82 -29.17 -0.89
CA THR A 537 3.49 -30.32 -1.47
C THR A 537 3.86 -29.88 -2.82
N GLU A 538 4.82 -30.55 -3.44
CA GLU A 538 5.22 -30.13 -4.76
C GLU A 538 4.03 -30.23 -5.68
N LYS A 539 3.21 -31.24 -5.51
CA LYS A 539 2.12 -31.36 -6.43
C LYS A 539 1.38 -30.06 -6.26
N GLN A 540 1.27 -29.61 -5.03
CA GLN A 540 0.61 -28.34 -4.76
C GLN A 540 1.42 -27.16 -5.30
N ARG A 541 2.70 -27.11 -4.97
CA ARG A 541 3.55 -26.00 -5.43
C ARG A 541 3.63 -25.94 -6.96
N ASP A 542 3.69 -27.10 -7.60
CA ASP A 542 3.77 -27.16 -9.06
C ASP A 542 2.48 -26.68 -9.70
N SER A 543 1.40 -26.68 -8.93
CA SER A 543 0.11 -26.22 -9.42
C SER A 543 0.03 -24.72 -9.20
N LEU A 544 0.70 -24.25 -8.16
CA LEU A 544 0.75 -22.85 -7.84
C LEU A 544 1.45 -22.02 -8.90
N GLN A 545 2.49 -22.59 -9.45
CA GLN A 545 3.39 -21.89 -10.32
C GLN A 545 2.70 -21.44 -11.56
N LYS A 546 1.53 -22.00 -11.79
CA LYS A 546 0.64 -21.66 -12.89
C LYS A 546 -0.12 -20.31 -12.81
N VAL A 547 -0.33 -19.80 -11.62
CA VAL A 547 -1.20 -18.63 -11.44
C VAL A 547 -0.77 -17.38 -12.21
N SER A 548 -1.77 -16.64 -12.68
CA SER A 548 -1.56 -15.41 -13.42
C SER A 548 -2.67 -14.44 -13.01
N PHE A 549 -2.36 -13.14 -12.99
CA PHE A 549 -3.38 -12.19 -12.62
C PHE A 549 -4.47 -12.39 -13.66
N SER A 550 -4.07 -12.90 -14.82
CA SER A 550 -4.99 -13.17 -15.91
C SER A 550 -6.08 -14.10 -15.40
N ARG A 551 -5.66 -15.26 -14.92
CA ARG A 551 -6.59 -16.25 -14.41
C ARG A 551 -7.51 -15.68 -13.34
N LEU A 552 -6.97 -14.88 -12.43
CA LEU A 552 -7.78 -14.30 -11.37
C LEU A 552 -8.97 -13.55 -11.93
N ILE A 553 -8.75 -12.83 -13.02
CA ILE A 553 -9.81 -12.06 -13.67
C ILE A 553 -10.82 -12.98 -14.34
N CYS A 554 -10.33 -13.86 -15.22
CA CYS A 554 -11.19 -14.80 -15.93
C CYS A 554 -12.15 -15.54 -14.99
N ASP A 555 -11.64 -15.94 -13.84
CA ASP A 555 -12.41 -16.67 -12.85
C ASP A 555 -13.27 -15.80 -11.94
N ASN A 556 -13.05 -14.49 -11.94
CA ASN A 556 -13.81 -13.62 -11.05
C ASN A 556 -14.61 -12.47 -11.65
N THR A 557 -14.62 -12.37 -12.98
CA THR A 557 -15.28 -11.29 -13.70
C THR A 557 -16.04 -11.95 -14.83
N HIS A 558 -16.65 -11.14 -15.66
CA HIS A 558 -17.37 -11.63 -16.82
C HIS A 558 -16.58 -11.48 -18.12
N ILE A 559 -15.28 -11.24 -17.99
CA ILE A 559 -14.46 -10.79 -19.12
C ILE A 559 -13.74 -11.95 -19.81
N THR A 560 -14.09 -12.17 -21.08
CA THR A 560 -13.50 -13.22 -21.90
C THR A 560 -12.02 -13.07 -22.28
N LYS A 561 -11.61 -11.85 -22.59
CA LYS A 561 -10.31 -11.58 -23.17
C LYS A 561 -9.34 -10.93 -22.19
N VAL A 562 -8.18 -11.55 -22.01
CA VAL A 562 -7.15 -11.03 -21.10
C VAL A 562 -5.77 -11.27 -21.70
N PRO A 563 -4.78 -10.43 -21.35
CA PRO A 563 -3.43 -10.61 -21.88
C PRO A 563 -2.70 -11.74 -21.19
N LEU A 564 -1.58 -12.17 -21.75
CA LEU A 564 -0.78 -13.24 -21.16
C LEU A 564 -0.15 -12.63 -19.91
N HIS A 565 0.52 -11.50 -20.12
CA HIS A 565 1.23 -10.75 -19.09
C HIS A 565 0.36 -9.53 -18.82
N ALA A 566 -0.30 -9.52 -17.67
CA ALA A 566 -1.08 -8.38 -17.19
C ALA A 566 -0.35 -7.10 -16.73
N PHE A 567 0.95 -7.18 -16.44
CA PHE A 567 1.65 -5.98 -15.96
C PHE A 567 2.31 -5.10 -17.03
N GLN A 568 2.64 -5.66 -18.18
CA GLN A 568 3.25 -4.86 -19.24
C GLN A 568 2.12 -4.17 -20.01
N ALA A 569 2.46 -3.15 -20.78
CA ALA A 569 1.44 -2.47 -21.55
C ALA A 569 0.88 -3.49 -22.54
N ASN A 570 -0.45 -3.56 -22.66
CA ASN A 570 -1.10 -4.49 -23.57
C ASN A 570 -2.24 -3.83 -24.33
N ASN A 571 -2.27 -4.00 -25.65
CA ASN A 571 -3.33 -3.39 -26.43
C ASN A 571 -4.30 -4.37 -27.07
N TYR A 572 -5.57 -4.06 -26.92
CA TYR A 572 -6.68 -4.86 -27.45
C TYR A 572 -7.00 -4.42 -28.88
N PRO A 573 -7.26 -5.40 -29.75
CA PRO A 573 -7.27 -6.82 -29.37
C PRO A 573 -5.91 -7.54 -29.49
N HIS A 574 -4.94 -6.93 -30.14
CA HIS A 574 -3.61 -7.55 -30.31
C HIS A 574 -2.82 -8.34 -29.26
N ASP A 575 -2.63 -7.80 -28.06
CA ASP A 575 -2.08 -8.56 -26.92
C ASP A 575 -3.14 -9.24 -26.06
N PHE A 576 -4.37 -9.33 -26.55
CA PHE A 576 -5.42 -9.98 -25.78
C PHE A 576 -5.81 -11.35 -26.30
N VAL A 577 -5.63 -12.37 -25.47
CA VAL A 577 -5.98 -13.72 -25.86
C VAL A 577 -7.16 -14.21 -25.00
N ASP A 578 -7.67 -15.41 -25.32
CA ASP A 578 -8.94 -15.97 -24.81
C ASP A 578 -8.88 -16.60 -23.41
N CYS A 579 -9.77 -16.21 -22.51
CA CYS A 579 -9.76 -16.79 -21.15
C CYS A 579 -9.65 -18.31 -21.17
N SER A 580 -10.28 -18.92 -22.17
CA SER A 580 -10.28 -20.36 -22.33
C SER A 580 -8.89 -20.94 -22.48
N THR A 581 -7.95 -20.11 -22.89
CA THR A 581 -6.60 -20.56 -23.12
C THR A 581 -5.59 -20.35 -22.00
N VAL A 582 -5.90 -19.52 -21.01
CA VAL A 582 -4.94 -19.30 -19.94
C VAL A 582 -4.97 -20.46 -18.94
N ASP A 583 -3.81 -20.92 -18.52
CA ASP A 583 -3.76 -22.05 -17.63
C ASP A 583 -4.53 -21.72 -16.37
N LYS A 584 -5.30 -22.69 -15.89
CA LYS A 584 -6.08 -22.52 -14.67
C LYS A 584 -5.38 -23.07 -13.44
N LEU A 585 -5.97 -22.81 -12.28
CA LEU A 585 -5.43 -23.30 -11.01
C LEU A 585 -6.07 -24.65 -10.74
N ASP A 586 -5.29 -25.71 -10.94
CA ASP A 586 -5.73 -27.07 -10.71
C ASP A 586 -5.59 -27.38 -9.21
N LEU A 587 -6.72 -27.48 -8.52
CA LEU A 587 -6.73 -27.74 -7.09
C LEU A 587 -6.74 -29.21 -6.69
N SER A 588 -6.50 -30.11 -7.64
CA SER A 588 -6.52 -31.53 -7.31
C SER A 588 -5.51 -31.91 -6.22
N PRO A 589 -4.31 -31.31 -6.25
CA PRO A 589 -3.33 -31.65 -5.21
C PRO A 589 -3.81 -31.33 -3.80
N TRP A 590 -4.98 -30.73 -3.71
CA TRP A 590 -5.54 -30.37 -2.40
C TRP A 590 -6.60 -31.36 -1.98
N ALA A 591 -6.90 -32.30 -2.88
CA ALA A 591 -7.89 -33.32 -2.58
C ALA A 591 -7.27 -34.30 -1.58
N SER A 592 -7.89 -34.41 -0.41
CA SER A 592 -7.39 -35.31 0.61
C SER A 592 -8.40 -36.41 0.86
N ARG A 593 -8.15 -37.59 0.30
CA ARG A 593 -9.08 -38.68 0.47
C ARG A 593 -8.97 -39.38 1.81
N GLU A 594 -8.22 -38.78 2.72
CA GLU A 594 -8.10 -39.33 4.06
C GLU A 594 -9.29 -38.67 4.77
N ASN A 595 -10.34 -39.45 4.98
CA ASN A 595 -11.58 -38.97 5.60
C ASN A 595 -11.44 -38.31 6.97
C1 NAG B . -23.35 -17.24 3.94
C2 NAG B . -23.91 -15.83 3.76
C3 NAG B . -25.38 -15.84 3.35
C4 NAG B . -25.81 -17.04 2.48
C5 NAG B . -24.91 -18.28 2.48
C6 NAG B . -24.93 -18.92 1.11
C7 NAG B . -23.30 -13.83 5.06
C8 NAG B . -23.20 -13.23 6.44
N2 NAG B . -23.77 -15.08 5.01
O3 NAG B . -25.64 -14.69 2.61
O4 NAG B . -27.11 -17.41 2.87
O5 NAG B . -23.56 -17.97 2.75
O6 NAG B . -23.98 -19.96 1.05
O7 NAG B . -22.96 -13.17 4.07
C1 NAG B . -28.16 -16.80 2.11
C2 NAG B . -29.01 -18.07 1.96
C3 NAG B . -30.50 -17.76 1.72
C4 NAG B . -30.77 -16.61 0.74
C5 NAG B . -29.58 -15.65 0.67
C6 NAG B . -30.00 -14.25 0.25
C7 NAG B . -27.82 -20.10 1.24
C8 NAG B . -27.25 -20.86 0.07
N2 NAG B . -28.42 -18.94 0.95
O3 NAG B . -31.06 -17.44 2.99
O4 NAG B . -31.09 -17.08 -0.54
O5 NAG B . -28.93 -15.63 1.92
O6 NAG B . -29.56 -14.02 -1.08
O7 NAG B . -27.70 -20.56 2.39
C1 NAG C . -24.29 10.74 -6.54
C2 NAG C . -23.97 11.56 -7.79
C3 NAG C . -24.95 11.35 -8.95
C4 NAG C . -25.60 9.96 -9.01
C5 NAG C . -25.96 9.48 -7.61
C6 NAG C . -26.49 8.06 -7.56
C7 NAG C . -22.80 13.64 -7.09
C8 NAG C . -23.01 15.10 -6.75
N2 NAG C . -23.91 12.98 -7.44
O3 NAG C . -24.23 11.54 -10.15
O4 NAG C . -26.76 9.98 -9.86
O5 NAG C . -24.77 9.45 -6.86
O6 NAG C . -25.39 7.20 -7.55
O7 NAG C . -21.67 13.17 -7.02
C1 NAG C . -26.92 9.32 -11.13
C2 NAG C . -28.03 8.44 -11.70
C3 NAG C . -27.76 8.23 -13.20
C4 NAG C . -27.86 9.55 -13.95
C5 NAG C . -27.10 10.67 -13.20
C6 NAG C . -28.05 11.78 -12.74
C7 NAG C . -29.16 6.85 -10.26
C8 NAG C . -29.09 5.48 -9.62
N2 NAG C . -28.11 7.17 -11.02
O3 NAG C . -28.66 7.29 -13.73
O4 NAG C . -27.37 9.41 -15.26
O5 NAG C . -26.31 10.15 -12.13
O6 NAG C . -28.12 12.80 -13.71
O7 NAG C . -30.13 7.58 -10.05
CA CA D . 0.55 -8.85 5.89
CHA HEM E . -0.07 6.05 2.18
CHB HEM E . -3.48 7.51 -1.02
CHC HEM E . -1.50 4.55 -4.29
CHD HEM E . 2.05 3.19 -1.13
C1A HEM E . -1.12 6.67 1.53
C2A HEM E . -1.93 7.71 2.27
C3A HEM E . -2.82 8.12 1.43
C4A HEM E . -2.71 7.38 0.10
CMA HEM E . -3.86 9.16 1.71
CAA HEM E . -1.54 8.07 3.69
CBA HEM E . -0.48 9.17 3.66
CGA HEM E . -0.02 9.47 5.06
O1A HEM E . 1.02 8.99 5.54
O2A HEM E . -0.87 10.27 5.72
C1B HEM E . -3.26 6.80 -2.22
C2B HEM E . -4.01 6.87 -3.42
C3B HEM E . -3.42 5.99 -4.34
C4B HEM E . -2.32 5.43 -3.67
CMB HEM E . -5.27 7.81 -3.62
CAB HEM E . -3.76 5.69 -5.72
CBB HEM E . -4.76 6.37 -6.42
C1C HEM E . -0.41 4.00 -3.70
C2C HEM E . 0.50 3.13 -4.36
C3C HEM E . 1.48 2.74 -3.54
C4C HEM E . 1.25 3.35 -2.24
CMC HEM E . 0.21 2.76 -5.92
CAC HEM E . 2.70 1.81 -3.70
CBC HEM E . 3.10 1.14 -4.87
C1D HEM E . 1.71 3.83 0.09
C2D HEM E . 2.40 3.59 1.34
C3D HEM E . 1.78 4.42 2.35
C4D HEM E . 0.75 5.12 1.63
CMD HEM E . 3.56 2.70 1.69
CAD HEM E . 2.16 4.48 3.87
CBD HEM E . 1.44 3.24 4.46
CGD HEM E . 1.72 3.13 6.01
O1D HEM E . 0.92 3.80 6.77
O2D HEM E . 2.68 2.36 6.49
NA HEM E . -1.64 6.54 0.29
NB HEM E . -2.26 5.91 -2.41
NC HEM E . 0.07 4.15 -2.38
ND HEM E . 0.71 4.77 0.28
FE HEM E . -0.72 5.38 -1.01
C1 NAG F . 8.32 -4.53 -21.42
C2 NAG F . 9.27 -4.80 -22.62
C3 NAG F . 9.81 -6.24 -22.71
C4 NAG F . 10.07 -6.89 -21.36
C5 NAG F . 8.91 -6.62 -20.40
C6 NAG F . 9.17 -7.29 -19.04
C7 NAG F . 9.05 -3.58 -24.77
C8 NAG F . 8.26 -3.42 -26.03
N2 NAG F . 8.62 -4.51 -23.89
O3 NAG F . 11.02 -6.19 -23.44
O4 NAG F . 10.29 -8.28 -21.52
O5 NAG F . 8.75 -5.22 -20.26
O6 NAG F . 8.77 -6.45 -17.97
O7 NAG F . 10.04 -2.84 -24.60
C1 NAG G . 20.23 -16.47 7.89
C2 NAG G . 21.42 -16.65 6.96
C3 NAG G . 22.69 -16.12 7.63
C4 NAG G . 22.55 -14.70 8.21
C5 NAG G . 21.16 -14.39 8.79
C6 NAG G . 20.89 -12.89 8.64
C7 NAG G . 22.18 -18.57 5.57
C8 NAG G . 22.20 -20.07 5.53
N2 NAG G . 21.58 -18.06 6.65
O3 NAG G . 23.79 -16.15 6.74
O4 NAG G . 23.53 -14.52 9.20
O5 NAG G . 20.07 -15.09 8.19
O6 NAG G . 20.28 -12.61 7.38
O7 NAG G . 22.70 -17.90 4.66
I IOD H . 13.94 2.97 9.33
I IOD I . 5.12 27.87 -3.42
I IOD J . 10.69 -2.05 -19.39
I IOD K . 8.24 -16.60 -6.19
I IOD L . -14.68 -9.12 -22.40
I IOD M . 29.93 16.45 -3.62
I IOD N . -23.94 -5.67 3.65
I IOD O . -17.11 12.10 6.67
I IOD P . 3.25 -9.95 -16.10
C1 MPD Q . -14.40 -4.62 12.68
C2 MPD Q . -14.12 -4.21 13.94
O2 MPD Q . -12.87 -3.80 13.85
CM MPD Q . -14.97 -3.05 14.43
C3 MPD Q . -14.32 -5.52 14.71
C4 MPD Q . -15.83 -6.01 14.87
O4 MPD Q . -15.76 -7.44 14.96
C5 MPD Q . -16.77 -5.47 15.90
C1 EDO R . -14.70 16.92 -6.40
O1 EDO R . -14.43 18.01 -7.22
C2 EDO R . -15.20 15.76 -7.17
O2 EDO R . -15.71 14.76 -6.30
C1 PEG S . 17.77 1.94 16.90
O1 PEG S . 16.70 2.43 17.19
C2 PEG S . 17.95 1.11 15.66
O2 PEG S . 19.31 1.28 15.17
C3 PEG S . 20.09 0.22 15.67
C4 PEG S . 21.23 -0.13 14.74
O4 PEG S . 20.96 0.22 13.36
C1 GOL T . 15.53 -11.48 16.22
O1 GOL T . 15.62 -12.86 15.87
C2 GOL T . 15.55 -10.65 14.94
O2 GOL T . 16.51 -11.27 14.14
C3 GOL T . 15.81 -9.17 15.07
O3 GOL T . 14.81 -8.47 15.85
S SCN U . -14.29 3.51 5.88
C SCN U . -13.10 3.15 4.62
N SCN U . -12.31 2.88 3.78
C1 ASC V . -4.13 4.79 2.20
C2 ASC V . -3.59 4.87 3.54
C3 ASC V . -4.46 5.60 4.20
C4 ASC V . -5.78 5.51 3.51
C5 ASC V . -6.79 6.56 3.95
C6 ASC V . -8.14 5.95 4.28
O1 ASC V . -3.67 3.97 1.43
O2 ASC V . -2.42 4.35 3.96
O3 ASC V . -4.27 6.23 5.34
O4 ASC V . -5.38 5.35 2.19
O5 ASC V . -6.81 7.71 3.15
O6 ASC V . -8.29 5.34 5.56
#